data_1XX1
#
_entry.id   1XX1
#
_cell.length_a   139.818
_cell.length_b   139.818
_cell.length_c   113.461
_cell.angle_alpha   90.00
_cell.angle_beta   90.00
_cell.angle_gamma   120.00
#
_symmetry.space_group_name_H-M   'P 65'
#
loop_
_entity.id
_entity.type
_entity.pdbx_description
1 polymer 'Sphingomyelinase I'
2 non-polymer 'SULFATE ION'
3 non-polymer 'MAGNESIUM ION'
4 non-polymer '4-(2-HYDROXYETHYL)-1-PIPERAZINE ETHANESULFONIC ACID'
5 water water
#
_entity_poly.entity_id   1
_entity_poly.type   'polypeptide(L)'
_entity_poly.pdbx_seq_one_letter_code
;ADNRRPIWNLAHMVNAVAQIPDFLDLGANALEADVTFKGSVPTYTYHGTPCDFGRDCIRWEYFNVFLKTLREYTTPGNAK
YRDGFILFVLDLKTGSLSNDQVRPAGENVAKELLQNYWNNGNNGGRAYVVLSLPDIGHYEFVRGFKEVLKKEGHEDLLEK
VGYDFSGPYLPSLPTLDATHEAYKKAGVDGHIWLSDGLTNFSPLGDMARLKEAIKSRDSANGFINKIYYWSVDKVSTTKA
ALDVGVDGIMTNYPNVLIGVLKESGYNDKYRLATYDDNPWETFKN
;
_entity_poly.pdbx_strand_id   A,B,C,D
#
loop_
_chem_comp.id
_chem_comp.type
_chem_comp.name
_chem_comp.formula
EPE non-polymer '4-(2-HYDROXYETHYL)-1-PIPERAZINE ETHANESULFONIC ACID' 'C8 H18 N2 O4 S'
MG non-polymer 'MAGNESIUM ION' 'Mg 2'
SO4 non-polymer 'SULFATE ION' 'O4 S -2'
#
# COMPACT_ATOMS: atom_id res chain seq x y z
N ALA A 1 -46.46 -33.99 39.98
CA ALA A 1 -47.60 -33.90 39.03
C ALA A 1 -47.20 -33.30 37.70
N ASP A 2 -46.27 -32.36 37.76
CA ASP A 2 -45.91 -31.58 36.59
C ASP A 2 -44.95 -32.40 35.75
N ASN A 3 -45.41 -32.82 34.56
CA ASN A 3 -44.63 -33.69 33.69
C ASN A 3 -43.89 -32.90 32.60
N ARG A 4 -43.85 -31.59 32.76
CA ARG A 4 -43.18 -30.78 31.76
C ARG A 4 -41.66 -30.90 31.98
N ARG A 5 -40.91 -30.81 30.90
CA ARG A 5 -39.46 -30.86 31.02
C ARG A 5 -38.99 -29.56 31.70
N PRO A 6 -38.23 -29.70 32.79
CA PRO A 6 -37.64 -28.54 33.42
C PRO A 6 -36.49 -28.03 32.56
N ILE A 7 -36.47 -26.74 32.33
CA ILE A 7 -35.50 -26.14 31.43
C ILE A 7 -34.58 -25.23 32.22
N TRP A 8 -33.28 -25.36 31.93
CA TRP A 8 -32.32 -24.42 32.42
C TRP A 8 -32.16 -23.32 31.39
N ASN A 9 -32.42 -22.10 31.85
CA ASN A 9 -32.30 -20.90 31.08
C ASN A 9 -30.99 -20.26 31.48
N LEU A 10 -29.96 -20.60 30.73
CA LEU A 10 -28.58 -20.27 31.14
C LEU A 10 -28.15 -19.00 30.46
N ALA A 11 -27.98 -17.94 31.26
CA ALA A 11 -27.51 -16.67 30.75
C ALA A 11 -26.06 -16.87 30.31
N HIS A 12 -25.81 -16.51 29.07
CA HIS A 12 -24.54 -16.77 28.42
C HIS A 12 -23.54 -15.69 28.77
N MET A 13 -22.33 -16.12 29.13
CA MET A 13 -21.20 -15.21 29.23
C MET A 13 -21.47 -14.09 30.20
N VAL A 14 -21.71 -14.48 31.45
CA VAL A 14 -21.99 -13.50 32.50
C VAL A 14 -20.75 -13.42 33.37
N ASN A 15 -19.85 -12.52 32.98
CA ASN A 15 -18.53 -12.50 33.61
C ASN A 15 -18.27 -11.35 34.56
N ALA A 16 -19.21 -10.43 34.63
CA ALA A 16 -19.09 -9.32 35.57
C ALA A 16 -20.21 -9.43 36.59
N VAL A 17 -19.88 -9.17 37.84
CA VAL A 17 -20.89 -9.30 38.88
C VAL A 17 -22.10 -8.40 38.64
N ALA A 18 -21.88 -7.22 38.09
CA ALA A 18 -22.99 -6.29 37.85
C ALA A 18 -24.01 -6.94 36.91
N GLN A 19 -23.54 -7.86 36.09
CA GLN A 19 -24.43 -8.47 35.09
C GLN A 19 -25.32 -9.54 35.67
N ILE A 20 -24.91 -10.09 36.82
CA ILE A 20 -25.61 -11.21 37.39
C ILE A 20 -27.09 -10.91 37.58
N PRO A 21 -27.38 -9.84 38.35
CA PRO A 21 -28.79 -9.61 38.60
C PRO A 21 -29.51 -9.24 37.31
N ASP A 22 -28.83 -8.61 36.36
CA ASP A 22 -29.51 -8.18 35.16
C ASP A 22 -29.97 -9.41 34.41
N PHE A 23 -29.09 -10.39 34.29
CA PHE A 23 -29.48 -11.64 33.62
C PHE A 23 -30.55 -12.41 34.35
N LEU A 24 -30.44 -12.44 35.67
CA LEU A 24 -31.46 -13.12 36.47
C LEU A 24 -32.76 -12.37 36.27
N ASP A 25 -32.70 -11.05 36.24
CA ASP A 25 -33.90 -10.25 36.01
C ASP A 25 -34.55 -10.51 34.66
N LEU A 26 -33.75 -10.84 33.66
CA LEU A 26 -34.28 -11.21 32.34
C LEU A 26 -34.97 -12.56 32.37
N GLY A 27 -34.69 -13.35 33.40
CA GLY A 27 -35.41 -14.57 33.68
C GLY A 27 -34.53 -15.81 33.73
N ALA A 28 -33.20 -15.64 33.60
CA ALA A 28 -32.31 -16.80 33.67
C ALA A 28 -32.47 -17.46 35.05
N ASN A 29 -32.44 -18.78 35.08
CA ASN A 29 -32.33 -19.51 36.36
C ASN A 29 -30.90 -20.04 36.53
N ALA A 30 -30.05 -19.68 35.56
CA ALA A 30 -28.69 -20.18 35.57
C ALA A 30 -27.85 -19.22 34.80
N LEU A 31 -26.55 -19.29 35.04
CA LEU A 31 -25.67 -18.46 34.25
C LEU A 31 -24.41 -19.21 33.98
N GLU A 32 -23.70 -18.72 32.99
CA GLU A 32 -22.47 -19.36 32.56
C GLU A 32 -21.41 -18.27 32.61
N ALA A 33 -20.28 -18.62 33.20
CA ALA A 33 -19.13 -17.68 33.34
C ALA A 33 -17.91 -18.39 32.80
N ASP A 34 -17.03 -17.60 32.19
CA ASP A 34 -15.84 -18.14 31.56
C ASP A 34 -14.71 -17.91 32.52
N VAL A 35 -14.14 -18.99 32.99
CA VAL A 35 -13.12 -18.94 34.03
C VAL A 35 -11.79 -19.06 33.32
N THR A 36 -11.04 -17.97 33.34
CA THR A 36 -9.71 -17.95 32.72
C THR A 36 -8.67 -18.47 33.70
N PHE A 37 -7.56 -18.93 33.16
CA PHE A 37 -6.49 -19.49 33.95
C PHE A 37 -5.19 -18.82 33.60
N LYS A 38 -4.35 -18.72 34.62
CA LYS A 38 -2.97 -18.32 34.42
C LYS A 38 -2.24 -19.50 34.93
N GLY A 39 -1.72 -20.30 34.00
CA GLY A 39 -1.28 -21.65 34.32
C GLY A 39 -2.43 -22.36 34.98
N SER A 40 -2.18 -22.96 36.14
CA SER A 40 -3.22 -23.77 36.77
C SER A 40 -4.14 -22.94 37.70
N VAL A 41 -3.94 -21.63 37.72
CA VAL A 41 -4.62 -20.78 38.68
C VAL A 41 -5.84 -20.14 38.02
N PRO A 42 -7.06 -20.48 38.50
CA PRO A 42 -8.23 -19.81 37.94
C PRO A 42 -8.18 -18.36 38.35
N THR A 43 -8.35 -17.47 37.39
CA THR A 43 -7.96 -16.07 37.62
C THR A 43 -9.12 -15.11 37.49
N TYR A 44 -9.77 -15.14 36.33
CA TYR A 44 -10.86 -14.23 36.08
C TYR A 44 -12.06 -14.96 35.62
N THR A 45 -13.19 -14.27 35.73
CA THR A 45 -14.30 -14.59 34.88
C THR A 45 -14.18 -13.56 33.76
N TYR A 46 -14.06 -14.07 32.55
CA TYR A 46 -13.75 -13.20 31.42
C TYR A 46 -13.74 -14.04 30.16
N HIS A 47 -14.35 -13.51 29.13
CA HIS A 47 -14.46 -14.20 27.87
C HIS A 47 -13.45 -13.67 26.85
N GLY A 48 -13.50 -12.36 26.60
CA GLY A 48 -12.58 -11.76 25.65
C GLY A 48 -13.18 -11.73 24.26
N THR A 49 -12.52 -11.03 23.36
CA THR A 49 -13.03 -10.94 22.01
C THR A 49 -12.45 -12.08 21.20
N PRO A 50 -13.15 -12.50 20.15
CA PRO A 50 -14.48 -12.06 19.73
C PRO A 50 -15.54 -12.75 20.59
N CYS A 51 -16.75 -12.23 20.56
CA CYS A 51 -17.84 -12.90 21.27
C CYS A 51 -19.09 -12.62 20.49
N ASP A 52 -20.22 -13.05 21.02
CA ASP A 52 -21.46 -12.94 20.29
C ASP A 52 -21.79 -11.53 19.87
N PHE A 53 -22.38 -11.45 18.70
CA PHE A 53 -22.96 -10.21 18.26
C PHE A 53 -23.94 -9.77 19.33
N GLY A 54 -23.93 -8.47 19.59
CA GLY A 54 -24.87 -7.88 20.51
C GLY A 54 -24.39 -7.99 21.93
N ARG A 55 -23.14 -8.43 22.09
CA ARG A 55 -22.59 -8.57 23.45
C ARG A 55 -21.25 -7.88 23.55
N ASP A 56 -21.04 -7.16 24.65
CA ASP A 56 -19.71 -6.71 25.00
C ASP A 56 -18.97 -7.94 25.52
N CYS A 57 -17.72 -8.09 25.08
CA CYS A 57 -16.96 -9.33 25.29
C CYS A 57 -15.99 -9.30 26.46
N ILE A 58 -15.76 -8.12 27.04
CA ILE A 58 -14.63 -7.98 27.93
C ILE A 58 -15.02 -7.62 29.35
N ARG A 59 -16.28 -7.85 29.70
CA ARG A 59 -16.68 -7.72 31.11
C ARG A 59 -15.98 -8.80 31.93
N TRP A 60 -15.71 -8.52 33.19
CA TRP A 60 -14.84 -9.42 33.89
C TRP A 60 -14.95 -9.22 35.36
N GLU A 61 -14.39 -10.19 36.06
CA GLU A 61 -14.24 -10.10 37.49
C GLU A 61 -13.12 -11.04 37.90
N TYR A 62 -12.54 -10.79 39.06
CA TYR A 62 -11.65 -11.78 39.64
C TYR A 62 -12.47 -13.00 40.02
N PHE A 63 -11.92 -14.18 39.79
CA PHE A 63 -12.68 -15.39 39.99
C PHE A 63 -13.25 -15.53 41.40
N ASN A 64 -12.41 -15.28 42.40
CA ASN A 64 -12.92 -15.40 43.76
C ASN A 64 -14.07 -14.44 44.06
N VAL A 65 -13.94 -13.20 43.62
CA VAL A 65 -14.96 -12.19 43.85
C VAL A 65 -16.22 -12.64 43.12
N PHE A 66 -16.05 -13.17 41.94
CA PHE A 66 -17.23 -13.68 41.22
C PHE A 66 -17.93 -14.78 42.02
N LEU A 67 -17.16 -15.73 42.49
CA LEU A 67 -17.71 -16.83 43.27
C LEU A 67 -18.35 -16.30 44.54
N LYS A 68 -17.70 -15.33 45.18
CA LYS A 68 -18.29 -14.71 46.38
C LYS A 68 -19.66 -14.13 46.04
N THR A 69 -19.74 -13.48 44.89
CA THR A 69 -20.99 -12.84 44.49
C THR A 69 -22.04 -13.91 44.17
N LEU A 70 -21.63 -15.01 43.56
CA LEU A 70 -22.55 -16.07 43.21
C LEU A 70 -23.09 -16.63 44.52
N ARG A 71 -22.20 -16.79 45.51
CA ARG A 71 -22.60 -17.26 46.81
C ARG A 71 -23.70 -16.36 47.39
N GLU A 72 -23.49 -15.05 47.31
CA GLU A 72 -24.44 -14.10 47.86
C GLU A 72 -25.79 -14.27 47.21
N TYR A 73 -25.81 -14.40 45.89
CA TYR A 73 -27.07 -14.51 45.14
C TYR A 73 -27.77 -15.83 45.36
N THR A 74 -27.08 -16.79 45.95
CA THR A 74 -27.62 -18.14 46.06
C THR A 74 -27.59 -18.68 47.49
N THR A 75 -27.45 -17.79 48.45
CA THR A 75 -27.54 -18.20 49.85
C THR A 75 -28.87 -17.70 50.42
N PRO A 76 -29.77 -18.62 50.77
CA PRO A 76 -31.05 -18.19 51.34
C PRO A 76 -30.81 -17.20 52.49
N GLY A 77 -31.57 -16.10 52.51
CA GLY A 77 -31.46 -15.08 53.56
C GLY A 77 -30.56 -13.93 53.19
N ASN A 78 -29.68 -14.14 52.24
CA ASN A 78 -28.80 -13.09 51.82
C ASN A 78 -29.62 -11.98 51.19
N ALA A 79 -29.19 -10.74 51.39
CA ALA A 79 -29.87 -9.58 50.78
C ALA A 79 -30.06 -9.78 49.29
N LYS A 80 -29.03 -10.37 48.66
CA LYS A 80 -29.01 -10.55 47.20
C LYS A 80 -29.64 -11.87 46.76
N TYR A 81 -30.11 -12.67 47.71
CA TYR A 81 -30.59 -14.00 47.38
C TYR A 81 -31.64 -14.02 46.28
N ARG A 82 -31.43 -14.88 45.30
CA ARG A 82 -32.38 -15.13 44.22
C ARG A 82 -32.72 -16.60 44.26
N ASP A 83 -33.91 -16.94 44.71
CA ASP A 83 -34.29 -18.34 44.84
C ASP A 83 -34.39 -19.03 43.49
N GLY A 84 -34.53 -18.22 42.44
CA GLY A 84 -34.69 -18.74 41.08
C GLY A 84 -33.36 -19.00 40.39
N PHE A 85 -32.25 -18.69 41.06
CA PHE A 85 -30.92 -18.85 40.46
C PHE A 85 -30.37 -20.14 41.03
N ILE A 86 -30.34 -21.18 40.19
CA ILE A 86 -30.21 -22.55 40.66
C ILE A 86 -28.99 -23.29 40.19
N LEU A 87 -28.29 -22.71 39.20
CA LEU A 87 -27.16 -23.43 38.66
C LEU A 87 -26.27 -22.43 37.96
N PHE A 88 -24.96 -22.66 38.03
CA PHE A 88 -24.10 -21.94 37.11
C PHE A 88 -23.16 -22.92 36.48
N VAL A 89 -22.73 -22.55 35.27
CA VAL A 89 -21.75 -23.33 34.54
C VAL A 89 -20.47 -22.55 34.58
N LEU A 90 -19.40 -23.20 35.02
CA LEU A 90 -18.07 -22.63 34.89
C LEU A 90 -17.51 -23.17 33.62
N ASP A 91 -17.40 -22.28 32.65
CA ASP A 91 -16.79 -22.63 31.37
C ASP A 91 -15.28 -22.47 31.60
N LEU A 92 -14.63 -23.57 31.92
CA LEU A 92 -13.26 -23.51 32.41
C LEU A 92 -12.30 -23.50 31.23
N LYS A 93 -11.54 -22.43 31.13
CA LYS A 93 -10.72 -22.19 29.95
C LYS A 93 -9.34 -22.78 30.17
N THR A 94 -9.31 -24.10 30.20
CA THR A 94 -8.11 -24.88 30.49
C THR A 94 -7.39 -25.31 29.21
N GLY A 95 -7.89 -24.86 28.07
CA GLY A 95 -7.40 -25.28 26.74
C GLY A 95 -5.91 -25.09 26.51
N SER A 96 -5.31 -24.16 27.24
CA SER A 96 -3.88 -23.86 27.09
C SER A 96 -3.01 -24.45 28.19
N LEU A 97 -3.61 -25.18 29.14
CA LEU A 97 -2.84 -25.77 30.22
C LEU A 97 -1.91 -26.85 29.69
N SER A 98 -0.72 -26.93 30.24
CA SER A 98 0.08 -28.11 30.00
C SER A 98 -0.62 -29.30 30.67
N ASN A 99 -0.35 -30.51 30.19
CA ASN A 99 -0.95 -31.69 30.81
C ASN A 99 -0.74 -31.68 32.32
N ASP A 100 0.44 -31.24 32.77
CA ASP A 100 0.77 -31.24 34.21
C ASP A 100 0.01 -30.20 35.02
N GLN A 101 -0.58 -29.21 34.35
CA GLN A 101 -1.28 -28.15 35.05
C GLN A 101 -2.76 -28.45 35.21
N VAL A 102 -3.22 -29.53 34.61
CA VAL A 102 -4.66 -29.83 34.54
C VAL A 102 -5.20 -30.23 35.90
N ARG A 103 -4.54 -31.21 36.52
CA ARG A 103 -4.97 -31.63 37.83
C ARG A 103 -4.91 -30.49 38.85
N PRO A 104 -3.77 -29.79 38.95
CA PRO A 104 -3.70 -28.66 39.87
C PRO A 104 -4.75 -27.60 39.57
N ALA A 105 -5.08 -27.38 38.29
CA ALA A 105 -6.17 -26.46 37.98
C ALA A 105 -7.48 -26.92 38.63
N GLY A 106 -7.75 -28.21 38.53
CA GLY A 106 -8.95 -28.80 39.14
C GLY A 106 -8.92 -28.59 40.66
N GLU A 107 -7.77 -28.90 41.25
CA GLU A 107 -7.57 -28.68 42.67
C GLU A 107 -7.82 -27.24 43.04
N ASN A 108 -7.29 -26.32 42.25
CA ASN A 108 -7.44 -24.91 42.53
C ASN A 108 -8.87 -24.42 42.44
N VAL A 109 -9.59 -24.90 41.44
CA VAL A 109 -10.98 -24.53 41.27
C VAL A 109 -11.78 -25.09 42.43
N ALA A 110 -11.50 -26.34 42.81
CA ALA A 110 -12.15 -26.93 43.98
C ALA A 110 -11.93 -26.06 45.22
N LYS A 111 -10.69 -25.64 45.45
CA LYS A 111 -10.40 -24.82 46.61
C LYS A 111 -11.11 -23.49 46.54
N GLU A 112 -11.13 -22.86 45.37
CA GLU A 112 -11.85 -21.62 45.21
C GLU A 112 -13.33 -21.78 45.55
N LEU A 113 -13.95 -22.80 44.98
CA LEU A 113 -15.35 -23.03 45.23
C LEU A 113 -15.58 -23.35 46.70
N LEU A 114 -14.72 -24.16 47.27
CA LEU A 114 -14.86 -24.55 48.67
C LEU A 114 -14.76 -23.34 49.55
N GLN A 115 -13.76 -22.48 49.33
CA GLN A 115 -13.58 -21.33 50.21
C GLN A 115 -14.59 -20.26 49.91
N ASN A 116 -14.83 -20.00 48.62
CA ASN A 116 -15.49 -18.75 48.27
C ASN A 116 -16.90 -18.90 47.82
N TYR A 117 -17.29 -20.11 47.49
CA TYR A 117 -18.64 -20.33 47.04
C TYR A 117 -19.43 -21.12 48.10
N TRP A 118 -18.92 -22.29 48.44
CA TRP A 118 -19.60 -23.16 49.37
C TRP A 118 -19.23 -22.81 50.80
N ASN A 119 -18.25 -21.95 50.97
CA ASN A 119 -17.72 -21.66 52.29
C ASN A 119 -17.56 -22.93 53.15
N ASN A 120 -16.85 -23.91 52.62
CA ASN A 120 -16.58 -25.15 53.36
C ASN A 120 -17.82 -25.85 53.89
N GLY A 121 -18.95 -25.63 53.24
CA GLY A 121 -20.19 -26.30 53.64
C GLY A 121 -20.97 -25.59 54.73
N ASN A 122 -20.44 -24.44 55.15
CA ASN A 122 -21.09 -23.60 56.16
C ASN A 122 -22.00 -22.62 55.52
N ASN A 123 -23.17 -23.13 55.16
CA ASN A 123 -24.18 -22.34 54.50
C ASN A 123 -23.56 -21.46 53.38
N GLY A 124 -22.99 -22.16 52.42
CA GLY A 124 -22.51 -21.53 51.22
C GLY A 124 -23.66 -21.40 50.23
N GLY A 125 -23.31 -20.99 49.01
CA GLY A 125 -24.32 -20.83 47.96
C GLY A 125 -24.92 -22.17 47.62
N ARG A 126 -26.20 -22.14 47.25
CA ARG A 126 -26.94 -23.37 47.08
C ARG A 126 -27.00 -23.80 45.64
N ALA A 127 -26.53 -22.97 44.71
CA ALA A 127 -26.69 -23.31 43.29
C ALA A 127 -25.84 -24.52 42.95
N TYR A 128 -26.32 -25.30 41.99
CA TYR A 128 -25.55 -26.39 41.45
C TYR A 128 -24.52 -25.79 40.53
N VAL A 129 -23.42 -26.51 40.38
CA VAL A 129 -22.32 -26.01 39.57
C VAL A 129 -21.95 -27.03 38.54
N VAL A 130 -21.85 -26.60 37.28
CA VAL A 130 -21.38 -27.53 36.25
C VAL A 130 -19.96 -27.09 35.86
N LEU A 131 -19.03 -28.03 35.98
CA LEU A 131 -17.67 -27.82 35.59
C LEU A 131 -17.62 -28.22 34.11
N SER A 132 -17.44 -27.23 33.27
CA SER A 132 -17.46 -27.45 31.84
C SER A 132 -16.01 -27.32 31.38
N LEU A 133 -15.47 -28.44 30.88
CA LEU A 133 -14.09 -28.52 30.42
C LEU A 133 -14.10 -28.71 28.92
N PRO A 134 -13.16 -28.08 28.24
CA PRO A 134 -13.12 -27.97 26.79
C PRO A 134 -12.28 -29.07 26.14
N ASP A 135 -11.93 -30.08 26.94
CA ASP A 135 -11.10 -31.17 26.46
C ASP A 135 -11.43 -32.39 27.30
N ILE A 136 -11.94 -33.44 26.66
CA ILE A 136 -12.25 -34.66 27.35
C ILE A 136 -10.98 -35.25 27.97
N GLY A 137 -9.82 -34.81 27.49
CA GLY A 137 -8.54 -35.24 28.02
C GLY A 137 -8.16 -34.58 29.32
N HIS A 138 -9.00 -33.63 29.76
CA HIS A 138 -8.75 -32.91 30.99
C HIS A 138 -9.44 -33.52 32.20
N TYR A 139 -9.70 -34.80 32.13
CA TYR A 139 -10.42 -35.47 33.21
C TYR A 139 -9.65 -35.42 34.54
N GLU A 140 -8.33 -35.23 34.50
CA GLU A 140 -7.59 -35.07 35.78
C GLU A 140 -8.01 -33.83 36.55
N PHE A 141 -8.50 -32.83 35.83
CA PHE A 141 -9.03 -31.65 36.48
C PHE A 141 -10.08 -32.12 37.50
N VAL A 142 -10.96 -33.01 37.05
CA VAL A 142 -12.08 -33.49 37.88
C VAL A 142 -11.54 -34.39 38.99
N ARG A 143 -10.56 -35.20 38.64
CA ARG A 143 -9.91 -36.04 39.64
C ARG A 143 -9.32 -35.18 40.74
N GLY A 144 -8.62 -34.10 40.36
CA GLY A 144 -8.03 -33.17 41.35
C GLY A 144 -9.10 -32.45 42.15
N PHE A 145 -10.14 -32.04 41.43
CA PHE A 145 -11.27 -31.35 42.02
C PHE A 145 -11.92 -32.21 43.12
N LYS A 146 -12.22 -33.46 42.77
CA LYS A 146 -12.88 -34.37 43.70
C LYS A 146 -11.94 -34.67 44.86
N GLU A 147 -10.66 -34.82 44.54
CA GLU A 147 -9.65 -35.13 45.55
C GLU A 147 -9.69 -34.12 46.69
N VAL A 148 -9.67 -32.84 46.32
CA VAL A 148 -9.70 -31.73 47.25
C VAL A 148 -10.95 -31.81 48.14
N LEU A 149 -12.09 -31.96 47.52
CA LEU A 149 -13.34 -31.98 48.29
C LEU A 149 -13.33 -33.14 49.27
N LYS A 150 -12.89 -34.29 48.79
CA LYS A 150 -12.84 -35.50 49.60
C LYS A 150 -11.84 -35.32 50.75
N LYS A 151 -10.61 -34.92 50.43
CA LYS A 151 -9.59 -34.63 51.45
C LYS A 151 -10.05 -33.65 52.52
N GLU A 152 -10.76 -32.60 52.11
CA GLU A 152 -11.19 -31.57 53.03
C GLU A 152 -12.47 -31.96 53.79
N GLY A 153 -12.98 -33.16 53.51
CA GLY A 153 -14.16 -33.68 54.21
C GLY A 153 -15.46 -33.07 53.73
N HIS A 154 -15.47 -32.66 52.46
CA HIS A 154 -16.67 -32.09 51.88
C HIS A 154 -17.05 -32.82 50.62
N GLU A 155 -16.90 -34.14 50.67
CA GLU A 155 -17.34 -34.99 49.57
C GLU A 155 -18.82 -34.75 49.26
N ASP A 156 -19.59 -34.39 50.29
CA ASP A 156 -21.02 -34.17 50.15
C ASP A 156 -21.33 -33.04 49.18
N LEU A 157 -20.40 -32.10 49.07
CA LEU A 157 -20.58 -30.99 48.12
C LEU A 157 -20.56 -31.44 46.66
N LEU A 158 -20.05 -32.64 46.40
CA LEU A 158 -20.15 -33.18 45.05
C LEU A 158 -21.58 -33.43 44.64
N GLU A 159 -22.51 -33.47 45.60
CA GLU A 159 -23.91 -33.52 45.24
C GLU A 159 -24.27 -32.30 44.41
N LYS A 160 -23.54 -31.21 44.57
CA LYS A 160 -23.88 -29.94 43.96
C LYS A 160 -23.10 -29.72 42.67
N VAL A 161 -22.32 -30.70 42.26
CA VAL A 161 -21.35 -30.52 41.16
C VAL A 161 -21.70 -31.49 40.02
N GLY A 162 -21.68 -30.95 38.80
CA GLY A 162 -21.86 -31.70 37.58
C GLY A 162 -20.72 -31.39 36.63
N TYR A 163 -20.75 -32.05 35.50
CA TYR A 163 -19.60 -32.12 34.63
C TYR A 163 -20.06 -32.06 33.21
N ASP A 164 -19.30 -31.30 32.43
CA ASP A 164 -19.54 -31.29 31.01
C ASP A 164 -18.17 -31.30 30.37
N PHE A 165 -17.78 -32.44 29.80
CA PHE A 165 -16.53 -32.53 29.09
C PHE A 165 -16.92 -32.50 27.66
N SER A 166 -16.33 -31.59 26.93
CA SER A 166 -16.53 -31.63 25.50
C SER A 166 -15.22 -31.29 24.85
N GLY A 167 -15.16 -31.49 23.55
CA GLY A 167 -13.97 -31.16 22.82
C GLY A 167 -12.81 -32.06 23.20
N PRO A 168 -11.62 -31.72 22.73
CA PRO A 168 -11.43 -30.45 22.03
C PRO A 168 -11.99 -30.52 20.62
N TYR A 169 -11.93 -29.43 19.88
CA TYR A 169 -12.36 -29.47 18.49
C TYR A 169 -11.31 -30.05 17.54
N LEU A 170 -10.06 -30.12 17.98
CA LEU A 170 -9.00 -30.66 17.12
C LEU A 170 -8.55 -32.01 17.60
N PRO A 171 -8.25 -32.94 16.67
CA PRO A 171 -8.45 -32.89 15.22
C PRO A 171 -9.91 -33.06 14.84
N SER A 172 -10.69 -33.70 15.71
CA SER A 172 -12.13 -33.87 15.51
C SER A 172 -12.77 -33.77 16.88
N LEU A 173 -14.07 -33.52 16.89
CA LEU A 173 -14.84 -33.58 18.12
C LEU A 173 -14.95 -35.02 18.62
N PRO A 174 -14.85 -35.22 19.94
CA PRO A 174 -14.90 -36.60 20.42
C PRO A 174 -16.28 -37.18 20.23
N THR A 175 -16.31 -38.49 20.08
CA THR A 175 -17.56 -39.22 20.00
C THR A 175 -18.22 -39.15 21.37
N LEU A 176 -19.50 -39.51 21.42
CA LEU A 176 -20.16 -39.64 22.69
C LEU A 176 -19.51 -40.72 23.52
N ASP A 177 -19.09 -41.79 22.85
CA ASP A 177 -18.39 -42.84 23.53
C ASP A 177 -17.11 -42.39 24.19
N ALA A 178 -16.34 -41.55 23.49
CA ALA A 178 -15.07 -41.05 23.95
C ALA A 178 -15.33 -40.15 25.15
N THR A 179 -16.41 -39.39 25.05
CA THR A 179 -16.83 -38.46 26.10
C THR A 179 -17.22 -39.27 27.33
N HIS A 180 -18.03 -40.31 27.12
CA HIS A 180 -18.38 -41.21 28.22
C HIS A 180 -17.13 -41.76 28.87
N GLU A 181 -16.19 -42.22 28.06
CA GLU A 181 -14.94 -42.78 28.59
C GLU A 181 -14.18 -41.79 29.45
N ALA A 182 -14.18 -40.53 29.02
CA ALA A 182 -13.55 -39.46 29.76
C ALA A 182 -14.21 -39.31 31.12
N TYR A 183 -15.53 -39.39 31.17
CA TYR A 183 -16.20 -39.40 32.47
C TYR A 183 -15.74 -40.53 33.36
N LYS A 184 -15.64 -41.72 32.77
CA LYS A 184 -15.12 -42.88 33.50
C LYS A 184 -13.75 -42.60 34.05
N LYS A 185 -12.89 -42.02 33.21
CA LYS A 185 -11.54 -41.69 33.60
C LYS A 185 -11.51 -40.69 34.75
N ALA A 186 -12.47 -39.75 34.77
CA ALA A 186 -12.60 -38.79 35.87
C ALA A 186 -13.28 -39.35 37.10
N GLY A 187 -13.82 -40.57 37.00
CA GLY A 187 -14.55 -41.21 38.11
C GLY A 187 -15.91 -40.54 38.27
N VAL A 188 -16.45 -40.09 37.13
CA VAL A 188 -17.74 -39.39 37.07
C VAL A 188 -18.76 -40.38 36.55
N ASP A 189 -19.77 -40.68 37.36
CA ASP A 189 -20.77 -41.65 36.95
C ASP A 189 -22.19 -41.10 37.04
N GLY A 190 -22.29 -39.77 36.98
CA GLY A 190 -23.56 -39.08 37.04
C GLY A 190 -23.29 -37.59 37.05
N HIS A 191 -24.35 -36.80 36.97
CA HIS A 191 -24.25 -35.35 37.07
C HIS A 191 -23.57 -34.90 35.79
N ILE A 192 -24.00 -35.47 34.66
CA ILE A 192 -23.40 -35.16 33.35
C ILE A 192 -24.32 -34.29 32.50
N TRP A 193 -23.76 -33.16 32.08
CA TRP A 193 -24.37 -32.27 31.14
C TRP A 193 -23.62 -32.34 29.80
N LEU A 194 -24.37 -32.31 28.74
CA LEU A 194 -23.72 -32.17 27.44
C LEU A 194 -24.17 -30.89 26.77
N SER A 195 -23.24 -30.17 26.19
CA SER A 195 -23.63 -28.95 25.50
C SER A 195 -23.36 -29.14 24.04
N ASP A 196 -24.23 -28.57 23.21
CA ASP A 196 -24.07 -28.63 21.77
C ASP A 196 -24.28 -27.25 21.17
N GLY A 197 -23.70 -27.07 19.99
CA GLY A 197 -23.90 -25.87 19.20
C GLY A 197 -22.81 -24.80 19.25
N LEU A 198 -21.70 -25.06 19.95
CA LEU A 198 -20.57 -24.09 19.97
C LEU A 198 -20.12 -23.79 18.55
N THR A 199 -19.93 -24.85 17.77
CA THR A 199 -19.67 -24.73 16.33
C THR A 199 -20.84 -25.26 15.51
N ASN A 200 -20.95 -24.78 14.28
CA ASN A 200 -21.67 -25.49 13.21
C ASN A 200 -20.79 -25.57 11.95
N PHE A 201 -19.60 -26.17 12.16
CA PHE A 201 -18.60 -26.39 11.12
C PHE A 201 -18.94 -27.53 10.17
N SER A 202 -20.02 -28.25 10.49
CA SER A 202 -20.57 -29.29 9.63
C SER A 202 -22.06 -29.42 9.98
N PRO A 203 -22.92 -28.59 9.37
CA PRO A 203 -24.33 -28.49 9.75
C PRO A 203 -25.05 -29.84 9.81
N LEU A 204 -24.78 -30.69 8.81
CA LEU A 204 -25.38 -32.02 8.71
C LEU A 204 -24.98 -32.90 9.91
N GLY A 205 -23.67 -33.05 10.11
CA GLY A 205 -23.11 -33.80 11.24
C GLY A 205 -23.44 -33.18 12.59
N ASP A 206 -23.59 -31.86 12.61
CA ASP A 206 -24.08 -31.13 13.78
C ASP A 206 -25.50 -31.51 14.15
N MET A 207 -26.40 -31.54 13.15
CA MET A 207 -27.78 -32.00 13.37
C MET A 207 -27.78 -33.43 13.92
N ALA A 208 -27.06 -34.32 13.24
CA ALA A 208 -26.97 -35.73 13.65
C ALA A 208 -26.43 -35.85 15.06
N ARG A 209 -25.40 -35.05 15.39
CA ARG A 209 -24.78 -35.11 16.69
C ARG A 209 -25.76 -34.75 17.82
N LEU A 210 -26.57 -33.72 17.61
CA LEU A 210 -27.58 -33.36 18.59
C LEU A 210 -28.61 -34.47 18.76
N LYS A 211 -29.11 -34.98 17.64
CA LYS A 211 -30.08 -36.08 17.65
C LYS A 211 -29.49 -37.31 18.33
N GLU A 212 -28.22 -37.60 18.06
CA GLU A 212 -27.54 -38.71 18.69
C GLU A 212 -27.48 -38.47 20.19
N ALA A 213 -27.11 -37.25 20.60
CA ALA A 213 -26.96 -36.93 22.02
C ALA A 213 -28.28 -37.10 22.72
N ILE A 214 -29.33 -36.58 22.10
CA ILE A 214 -30.67 -36.67 22.65
C ILE A 214 -31.07 -38.12 22.80
N LYS A 215 -30.86 -38.89 21.74
CA LYS A 215 -31.16 -40.31 21.76
C LYS A 215 -30.37 -40.98 22.89
N SER A 216 -29.09 -40.63 23.02
CA SER A 216 -28.25 -41.22 24.06
C SER A 216 -28.79 -40.86 25.44
N ARG A 217 -29.06 -39.58 25.65
CA ARG A 217 -29.61 -39.17 26.93
C ARG A 217 -30.85 -40.02 27.28
N ASP A 218 -31.69 -40.22 26.27
CA ASP A 218 -33.01 -40.78 26.50
C ASP A 218 -33.01 -42.30 26.47
N SER A 219 -31.82 -42.85 26.27
CA SER A 219 -31.65 -44.30 26.27
C SER A 219 -31.53 -44.84 27.67
N ALA A 220 -31.94 -46.09 27.84
CA ALA A 220 -31.90 -46.75 29.14
C ALA A 220 -30.47 -46.79 29.68
N ASN A 221 -29.50 -46.98 28.80
CA ASN A 221 -28.09 -47.08 29.20
C ASN A 221 -27.37 -45.73 29.14
N GLY A 222 -28.14 -44.65 29.09
CA GLY A 222 -27.57 -43.32 28.87
C GLY A 222 -26.75 -42.81 30.03
N PHE A 223 -25.79 -41.95 29.73
CA PHE A 223 -24.97 -41.35 30.78
C PHE A 223 -25.22 -39.83 30.89
N ILE A 224 -25.82 -39.26 29.85
CA ILE A 224 -26.03 -37.81 29.82
C ILE A 224 -27.28 -37.48 30.63
N ASN A 225 -27.19 -36.53 31.55
CA ASN A 225 -28.38 -36.21 32.30
C ASN A 225 -29.12 -35.07 31.66
N LYS A 226 -28.41 -34.03 31.25
CA LYS A 226 -29.06 -32.88 30.62
C LYS A 226 -28.27 -32.50 29.39
N ILE A 227 -28.98 -31.94 28.42
CA ILE A 227 -28.34 -31.39 27.20
C ILE A 227 -28.73 -29.94 27.16
N TYR A 228 -27.74 -29.08 26.97
CA TYR A 228 -27.99 -27.66 26.74
C TYR A 228 -27.40 -27.25 25.40
N TYR A 229 -28.14 -26.39 24.72
CA TYR A 229 -27.76 -25.94 23.40
C TYR A 229 -27.31 -24.52 23.54
N TRP A 230 -26.22 -24.15 22.89
CA TRP A 230 -25.81 -22.80 23.15
C TRP A 230 -25.81 -21.81 22.04
N SER A 231 -25.87 -20.56 22.51
CA SER A 231 -26.52 -19.43 21.94
C SER A 231 -27.77 -19.72 21.11
N VAL A 232 -28.86 -19.72 21.85
CA VAL A 232 -30.19 -19.74 21.28
C VAL A 232 -30.76 -18.41 21.74
N ASP A 233 -30.96 -17.47 20.80
CA ASP A 233 -31.25 -16.09 21.17
C ASP A 233 -32.57 -15.56 20.61
N LYS A 234 -33.21 -16.35 19.78
CA LYS A 234 -34.43 -15.89 19.16
C LYS A 234 -35.58 -16.79 19.50
N VAL A 235 -36.80 -16.28 19.37
CA VAL A 235 -37.96 -17.09 19.67
C VAL A 235 -37.95 -18.34 18.82
N SER A 236 -37.70 -18.19 17.51
CA SER A 236 -37.79 -19.32 16.60
C SER A 236 -36.84 -20.42 17.02
N THR A 237 -35.59 -20.05 17.29
CA THR A 237 -34.55 -21.03 17.62
C THR A 237 -34.81 -21.59 19.02
N THR A 238 -35.37 -20.77 19.89
CA THR A 238 -35.72 -21.21 21.24
C THR A 238 -36.75 -22.30 21.17
N LYS A 239 -37.82 -22.04 20.44
CA LYS A 239 -38.86 -23.04 20.24
C LYS A 239 -38.30 -24.31 19.59
N ALA A 240 -37.39 -24.14 18.64
CA ALA A 240 -36.79 -25.26 17.94
C ALA A 240 -35.96 -26.13 18.89
N ALA A 241 -35.26 -25.48 19.80
CA ALA A 241 -34.43 -26.16 20.77
C ALA A 241 -35.29 -26.96 21.74
N LEU A 242 -36.33 -26.33 22.25
CA LEU A 242 -37.25 -26.99 23.16
C LEU A 242 -37.88 -28.15 22.44
N ASP A 243 -38.28 -27.90 21.20
CA ASP A 243 -39.01 -28.92 20.45
C ASP A 243 -38.17 -30.11 20.07
N VAL A 244 -36.84 -29.94 19.99
CA VAL A 244 -35.95 -31.05 19.68
C VAL A 244 -35.62 -31.82 20.97
N GLY A 245 -35.85 -31.18 22.11
CA GLY A 245 -35.84 -31.88 23.38
C GLY A 245 -34.70 -31.53 24.32
N VAL A 246 -34.03 -30.40 24.12
CA VAL A 246 -32.96 -30.02 25.03
C VAL A 246 -33.51 -29.65 26.41
N ASP A 247 -32.65 -29.78 27.42
CA ASP A 247 -33.02 -29.45 28.79
C ASP A 247 -32.60 -28.07 29.14
N GLY A 248 -31.70 -27.51 28.33
CA GLY A 248 -31.12 -26.23 28.67
C GLY A 248 -30.88 -25.40 27.43
N ILE A 249 -31.03 -24.11 27.61
CA ILE A 249 -30.79 -23.16 26.56
C ILE A 249 -29.78 -22.19 27.12
N MET A 250 -28.66 -22.07 26.44
CA MET A 250 -27.73 -21.04 26.76
C MET A 250 -28.04 -19.90 25.85
N THR A 251 -28.19 -18.72 26.43
CA THR A 251 -28.70 -17.61 25.69
C THR A 251 -28.14 -16.31 26.19
N ASN A 252 -27.98 -15.37 25.26
CA ASN A 252 -27.63 -14.03 25.62
C ASN A 252 -28.82 -13.26 26.10
N TYR A 253 -30.03 -13.79 25.89
CA TYR A 253 -31.27 -13.04 26.19
C TYR A 253 -32.27 -13.96 26.85
N PRO A 254 -32.09 -14.20 28.17
CA PRO A 254 -32.92 -15.14 28.90
C PRO A 254 -34.40 -14.81 28.81
N ASN A 255 -34.72 -13.55 28.54
CA ASN A 255 -36.12 -13.15 28.45
C ASN A 255 -36.81 -13.86 27.29
N VAL A 256 -36.06 -14.20 26.23
CA VAL A 256 -36.69 -14.86 25.08
C VAL A 256 -37.35 -16.17 25.52
N LEU A 257 -36.60 -17.02 26.23
CA LEU A 257 -37.12 -18.31 26.64
C LEU A 257 -38.27 -18.10 27.60
N ILE A 258 -38.15 -17.12 28.49
CA ILE A 258 -39.25 -16.85 29.41
C ILE A 258 -40.54 -16.60 28.63
N GLY A 259 -40.48 -15.79 27.58
CA GLY A 259 -41.69 -15.54 26.76
C GLY A 259 -42.17 -16.81 26.10
N VAL A 260 -41.25 -17.58 25.54
CA VAL A 260 -41.60 -18.83 24.86
C VAL A 260 -42.31 -19.78 25.83
N LEU A 261 -41.78 -19.87 27.05
CA LEU A 261 -42.36 -20.78 28.03
C LEU A 261 -43.76 -20.38 28.46
N LYS A 262 -44.18 -19.17 28.13
CA LYS A 262 -45.55 -18.74 28.43
C LYS A 262 -46.51 -19.11 27.31
N GLU A 263 -45.97 -19.44 26.15
CA GLU A 263 -46.79 -19.61 24.96
C GLU A 263 -47.54 -20.90 25.02
N SER A 264 -48.73 -20.90 24.43
CA SER A 264 -49.50 -22.13 24.28
C SER A 264 -48.67 -23.15 23.52
N GLY A 265 -48.77 -24.42 23.86
CA GLY A 265 -48.06 -25.44 23.06
C GLY A 265 -46.56 -25.51 23.37
N TYR A 266 -46.14 -24.59 24.24
CA TYR A 266 -44.87 -24.66 24.95
C TYR A 266 -45.11 -24.78 26.42
N ASN A 267 -46.09 -24.03 26.91
CA ASN A 267 -46.30 -23.98 28.35
C ASN A 267 -46.88 -25.26 28.92
N ASP A 268 -47.25 -26.18 28.04
CA ASP A 268 -47.75 -27.48 28.50
C ASP A 268 -46.72 -28.59 28.32
N LYS A 269 -45.53 -28.22 27.85
CA LYS A 269 -44.49 -29.19 27.62
C LYS A 269 -43.18 -28.92 28.35
N TYR A 270 -42.96 -27.63 28.64
CA TYR A 270 -41.66 -27.20 29.14
C TYR A 270 -41.93 -26.23 30.25
N ARG A 271 -41.04 -26.21 31.22
CA ARG A 271 -41.19 -25.23 32.28
C ARG A 271 -39.82 -24.84 32.78
N LEU A 272 -39.73 -23.66 33.34
CA LEU A 272 -38.45 -23.19 33.83
C LEU A 272 -38.05 -24.02 35.04
N ALA A 273 -36.84 -24.53 35.05
CA ALA A 273 -36.44 -25.38 36.17
C ALA A 273 -36.43 -24.56 37.45
N THR A 274 -36.72 -25.25 38.56
CA THR A 274 -36.58 -24.63 39.87
C THR A 274 -35.57 -25.41 40.66
N TYR A 275 -35.28 -24.91 41.86
CA TYR A 275 -34.27 -25.55 42.66
C TYR A 275 -34.57 -27.01 42.91
N ASP A 276 -35.84 -27.36 42.98
CA ASP A 276 -36.18 -28.75 43.29
C ASP A 276 -36.09 -29.70 42.10
N ASP A 277 -35.84 -29.14 40.93
CA ASP A 277 -35.49 -29.98 39.79
C ASP A 277 -34.01 -30.30 39.81
N ASN A 278 -33.71 -31.57 40.07
CA ASN A 278 -32.33 -31.98 40.24
C ASN A 278 -31.65 -31.91 38.87
N PRO A 279 -30.61 -31.08 38.75
CA PRO A 279 -30.05 -30.95 37.39
C PRO A 279 -29.27 -32.18 36.94
N TRP A 280 -29.11 -33.14 37.84
CA TRP A 280 -28.41 -34.40 37.53
C TRP A 280 -29.37 -35.51 37.23
N GLU A 281 -30.65 -35.18 37.23
CA GLU A 281 -31.65 -36.18 36.97
C GLU A 281 -32.09 -36.10 35.53
N THR A 282 -31.96 -37.21 34.80
CA THR A 282 -32.38 -37.26 33.39
C THR A 282 -33.89 -37.17 33.39
N PHE A 283 -34.41 -36.24 32.62
CA PHE A 283 -35.86 -36.13 32.50
C PHE A 283 -36.44 -37.35 31.79
N LYS A 284 -37.43 -37.97 32.41
CA LYS A 284 -38.12 -39.08 31.76
C LYS A 284 -39.45 -38.61 31.21
N ASN A 285 -39.43 -38.47 29.89
CA ASN A 285 -40.53 -38.35 28.93
C ASN A 285 -41.96 -38.80 29.29
N ALA B 1 10.17 6.80 -5.26
CA ALA B 1 9.29 7.70 -6.07
C ALA B 1 7.85 7.65 -5.54
N ASP B 2 7.41 6.46 -5.22
CA ASP B 2 6.01 6.24 -4.82
C ASP B 2 5.72 6.83 -3.42
N ASN B 3 4.87 7.86 -3.37
CA ASN B 3 4.54 8.57 -2.12
C ASN B 3 3.31 7.99 -1.41
N ARG B 4 2.87 6.83 -1.85
CA ARG B 4 1.62 6.29 -1.35
C ARG B 4 1.95 5.43 -0.17
N ARG B 5 1.06 5.40 0.80
CA ARG B 5 1.31 4.55 1.95
C ARG B 5 1.22 3.07 1.59
N PRO B 6 2.26 2.30 1.89
CA PRO B 6 2.19 0.89 1.62
C PRO B 6 1.28 0.26 2.66
N ILE B 7 0.37 -0.57 2.16
CA ILE B 7 -0.66 -1.18 3.01
C ILE B 7 -0.39 -2.68 3.11
N TRP B 8 -0.48 -3.21 4.33
CA TRP B 8 -0.46 -4.66 4.49
C TRP B 8 -1.89 -5.13 4.52
N ASN B 9 -2.18 -6.04 3.61
CA ASN B 9 -3.49 -6.67 3.45
C ASN B 9 -3.40 -8.02 4.12
N LEU B 10 -3.76 -8.03 5.40
CA LEU B 10 -3.53 -9.19 6.23
C LEU B 10 -4.74 -10.07 6.25
N ALA B 11 -4.57 -11.27 5.68
CA ALA B 11 -5.64 -12.24 5.72
C ALA B 11 -5.82 -12.66 7.16
N HIS B 12 -7.03 -12.49 7.65
CA HIS B 12 -7.34 -12.81 9.01
C HIS B 12 -7.55 -14.31 9.28
N MET B 13 -6.96 -14.82 10.37
CA MET B 13 -7.30 -16.13 10.89
C MET B 13 -7.09 -17.21 9.82
N VAL B 14 -5.86 -17.31 9.36
CA VAL B 14 -5.53 -18.30 8.35
C VAL B 14 -4.75 -19.38 9.06
N ASN B 15 -5.47 -20.36 9.58
CA ASN B 15 -4.86 -21.34 10.44
C ASN B 15 -4.66 -22.70 9.82
N ALA B 16 -5.21 -22.91 8.63
CA ALA B 16 -4.95 -24.17 7.92
C ALA B 16 -4.12 -23.88 6.70
N VAL B 17 -3.21 -24.80 6.38
CA VAL B 17 -2.29 -24.51 5.32
C VAL B 17 -3.00 -24.40 3.98
N ALA B 18 -4.05 -25.18 3.79
CA ALA B 18 -4.81 -25.20 2.54
C ALA B 18 -5.34 -23.80 2.28
N GLN B 19 -5.59 -23.04 3.35
CA GLN B 19 -6.16 -21.72 3.17
C GLN B 19 -5.17 -20.68 2.70
N ILE B 20 -3.88 -20.95 2.89
CA ILE B 20 -2.87 -19.93 2.60
C ILE B 20 -2.95 -19.41 1.16
N PRO B 21 -2.86 -20.33 0.17
CA PRO B 21 -2.88 -19.82 -1.18
C PRO B 21 -4.23 -19.20 -1.50
N ASP B 22 -5.30 -19.69 -0.88
CA ASP B 22 -6.62 -19.12 -1.13
C ASP B 22 -6.66 -17.67 -0.74
N PHE B 23 -6.16 -17.34 0.46
CA PHE B 23 -6.10 -15.95 0.89
C PHE B 23 -5.13 -15.14 0.07
N LEU B 24 -3.98 -15.74 -0.27
CA LEU B 24 -3.04 -15.00 -1.08
C LEU B 24 -3.69 -14.72 -2.45
N ASP B 25 -4.41 -15.70 -2.97
CA ASP B 25 -5.11 -15.54 -4.27
C ASP B 25 -6.13 -14.39 -4.23
N LEU B 26 -6.73 -14.18 -3.07
CA LEU B 26 -7.69 -13.09 -2.90
C LEU B 26 -7.01 -11.75 -2.87
N GLY B 27 -5.71 -11.75 -2.60
CA GLY B 27 -4.90 -10.59 -2.77
C GLY B 27 -4.14 -10.20 -1.53
N ALA B 28 -4.26 -11.01 -0.48
CA ALA B 28 -3.51 -10.70 0.75
C ALA B 28 -2.02 -10.67 0.44
N ASN B 29 -1.28 -9.74 1.04
CA ASN B 29 0.19 -9.82 0.98
C ASN B 29 0.72 -10.29 2.35
N ALA B 30 -0.22 -10.58 3.24
CA ALA B 30 0.17 -11.00 4.57
C ALA B 30 -0.91 -11.87 5.15
N LEU B 31 -0.57 -12.62 6.20
CA LEU B 31 -1.63 -13.34 6.85
C LEU B 31 -1.40 -13.37 8.32
N GLU B 32 -2.46 -13.66 9.04
CA GLU B 32 -2.40 -13.77 10.46
C GLU B 32 -2.82 -15.19 10.85
N ALA B 33 -2.06 -15.80 11.76
CA ALA B 33 -2.40 -17.13 12.24
C ALA B 33 -2.38 -17.08 13.75
N ASP B 34 -3.25 -17.87 14.36
CA ASP B 34 -3.39 -17.86 15.79
C ASP B 34 -2.62 -19.05 16.31
N VAL B 35 -1.64 -18.76 17.15
CA VAL B 35 -0.74 -19.78 17.63
C VAL B 35 -1.18 -20.17 19.02
N THR B 36 -1.66 -21.40 19.14
CA THR B 36 -2.14 -21.89 20.42
C THR B 36 -0.99 -22.52 21.20
N PHE B 37 -1.10 -22.48 22.52
CA PHE B 37 -0.08 -23.02 23.40
C PHE B 37 -0.66 -24.09 24.26
N LYS B 38 0.16 -25.11 24.50
CA LYS B 38 -0.11 -26.07 25.55
C LYS B 38 1.02 -25.84 26.53
N GLY B 39 0.71 -25.18 27.64
CA GLY B 39 1.77 -24.67 28.48
C GLY B 39 2.61 -23.75 27.62
N SER B 40 3.91 -23.84 27.77
CA SER B 40 4.85 -22.98 27.03
C SER B 40 5.09 -23.47 25.57
N VAL B 41 4.42 -24.55 25.17
CA VAL B 41 4.69 -25.16 23.88
C VAL B 41 3.71 -24.66 22.82
N PRO B 42 4.21 -23.91 21.83
CA PRO B 42 3.32 -23.47 20.77
C PRO B 42 2.95 -24.73 19.99
N THR B 43 1.65 -24.95 19.81
CA THR B 43 1.18 -26.27 19.38
C THR B 43 0.47 -26.27 18.06
N TYR B 44 -0.58 -25.43 17.97
CA TYR B 44 -1.37 -25.36 16.75
C TYR B 44 -1.46 -23.99 16.22
N THR B 45 -1.78 -23.91 14.93
CA THR B 45 -2.43 -22.71 14.43
C THR B 45 -3.91 -23.06 14.49
N TYR B 46 -4.69 -22.26 15.21
CA TYR B 46 -6.07 -22.59 15.45
C TYR B 46 -6.68 -21.45 16.23
N HIS B 47 -7.86 -21.04 15.80
CA HIS B 47 -8.55 -19.97 16.46
C HIS B 47 -9.63 -20.50 17.39
N GLY B 48 -10.51 -21.34 16.88
CA GLY B 48 -11.64 -21.83 17.66
C GLY B 48 -12.85 -20.92 17.63
N THR B 49 -13.95 -21.39 18.19
CA THR B 49 -15.18 -20.63 18.21
C THR B 49 -15.23 -19.81 19.50
N PRO B 50 -15.86 -18.63 19.46
CA PRO B 50 -16.53 -18.05 18.32
C PRO B 50 -15.51 -17.33 17.46
N CYS B 51 -15.91 -17.04 16.24
CA CYS B 51 -15.06 -16.26 15.37
C CYS B 51 -15.95 -15.44 14.47
N ASP B 52 -15.30 -14.68 13.60
CA ASP B 52 -16.03 -13.79 12.73
C ASP B 52 -17.15 -14.49 11.99
N PHE B 53 -18.25 -13.77 11.88
CA PHE B 53 -19.34 -14.19 11.04
C PHE B 53 -18.81 -14.46 9.63
N GLY B 54 -19.32 -15.52 9.01
CA GLY B 54 -18.94 -15.83 7.64
C GLY B 54 -17.61 -16.57 7.58
N ARG B 55 -17.11 -17.02 8.73
CA ARG B 55 -15.87 -17.83 8.79
C ARG B 55 -16.08 -19.07 9.59
N ASP B 56 -15.48 -20.16 9.12
CA ASP B 56 -15.36 -21.38 9.87
C ASP B 56 -14.19 -21.13 10.84
N CYS B 57 -14.41 -21.50 12.08
CA CYS B 57 -13.51 -21.08 13.17
C CYS B 57 -12.46 -22.11 13.54
N ILE B 58 -12.58 -23.33 13.02
CA ILE B 58 -11.83 -24.42 13.63
C ILE B 58 -10.82 -25.08 12.70
N ARG B 59 -10.46 -24.37 11.63
CA ARG B 59 -9.40 -24.81 10.72
C ARG B 59 -8.11 -24.75 11.51
N TRP B 60 -7.17 -25.66 11.25
CA TRP B 60 -6.01 -25.70 12.09
C TRP B 60 -4.87 -26.39 11.39
N GLU B 61 -3.70 -26.27 12.01
CA GLU B 61 -2.55 -27.01 11.58
C GLU B 61 -1.66 -27.16 12.79
N TYR B 62 -0.79 -28.15 12.77
CA TYR B 62 0.35 -28.10 13.67
C TYR B 62 1.21 -26.88 13.40
N PHE B 63 1.65 -26.20 14.47
CA PHE B 63 2.44 -25.01 14.32
C PHE B 63 3.67 -25.23 13.44
N ASN B 64 4.39 -26.34 13.67
CA ASN B 64 5.61 -26.60 12.91
C ASN B 64 5.33 -26.69 11.42
N VAL B 65 4.29 -27.44 11.10
CA VAL B 65 3.83 -27.67 9.73
C VAL B 65 3.37 -26.35 9.11
N PHE B 66 2.65 -25.56 9.89
CA PHE B 66 2.26 -24.25 9.39
C PHE B 66 3.49 -23.40 9.01
N LEU B 67 4.47 -23.33 9.90
CA LEU B 67 5.66 -22.55 9.62
C LEU B 67 6.42 -23.09 8.41
N LYS B 68 6.59 -24.39 8.36
CA LYS B 68 7.27 -24.98 7.19
C LYS B 68 6.55 -24.62 5.89
N THR B 69 5.22 -24.55 5.98
CA THR B 69 4.41 -24.22 4.81
C THR B 69 4.59 -22.74 4.47
N LEU B 70 4.57 -21.86 5.48
CA LEU B 70 4.85 -20.48 5.22
C LEU B 70 6.20 -20.33 4.54
N ARG B 71 7.16 -21.13 4.97
CA ARG B 71 8.50 -21.08 4.37
C ARG B 71 8.46 -21.34 2.86
N GLU B 72 7.72 -22.38 2.46
CA GLU B 72 7.59 -22.72 1.04
C GLU B 72 7.06 -21.53 0.25
N TYR B 73 6.06 -20.84 0.80
CA TYR B 73 5.44 -19.74 0.07
C TYR B 73 6.27 -18.49 0.05
N THR B 74 7.34 -18.46 0.86
CA THR B 74 8.06 -17.21 1.03
C THR B 74 9.56 -17.40 0.86
N THR B 75 9.95 -18.50 0.26
CA THR B 75 11.36 -18.71 0.00
C THR B 75 11.61 -18.48 -1.51
N PRO B 76 12.34 -17.41 -1.88
CA PRO B 76 12.61 -17.17 -3.31
C PRO B 76 13.19 -18.43 -3.92
N GLY B 77 12.72 -18.80 -5.10
CA GLY B 77 13.19 -20.03 -5.78
C GLY B 77 12.32 -21.23 -5.45
N ASN B 78 11.57 -21.15 -4.36
CA ASN B 78 10.67 -22.28 -4.08
C ASN B 78 9.59 -22.36 -5.16
N ALA B 79 9.23 -23.59 -5.56
CA ALA B 79 8.12 -23.82 -6.49
C ALA B 79 6.85 -23.08 -6.06
N LYS B 80 6.66 -22.95 -4.75
CA LYS B 80 5.43 -22.34 -4.22
C LYS B 80 5.61 -20.89 -3.88
N TYR B 81 6.80 -20.35 -4.12
CA TYR B 81 7.11 -18.97 -3.74
C TYR B 81 6.11 -17.96 -4.29
N ARG B 82 5.57 -17.17 -3.39
CA ARG B 82 4.72 -16.06 -3.73
C ARG B 82 5.49 -14.83 -3.33
N ASP B 83 6.01 -14.11 -4.31
CA ASP B 83 6.76 -12.91 -4.01
C ASP B 83 5.90 -11.85 -3.37
N GLY B 84 4.59 -11.92 -3.57
CA GLY B 84 3.64 -10.99 -2.94
C GLY B 84 3.32 -11.28 -1.47
N PHE B 85 3.86 -12.35 -0.91
CA PHE B 85 3.54 -12.74 0.47
C PHE B 85 4.74 -12.33 1.33
N ILE B 86 4.55 -11.28 2.11
CA ILE B 86 5.67 -10.50 2.63
C ILE B 86 5.74 -10.46 4.15
N LEU B 87 4.66 -10.86 4.80
CA LEU B 87 4.65 -10.73 6.24
C LEU B 87 3.61 -11.66 6.80
N PHE B 88 3.89 -12.24 7.95
CA PHE B 88 2.78 -12.85 8.65
C PHE B 88 2.80 -12.46 10.11
N VAL B 89 1.60 -12.45 10.70
CA VAL B 89 1.46 -12.10 12.10
C VAL B 89 1.17 -13.38 12.81
N LEU B 90 1.92 -13.64 13.87
CA LEU B 90 1.64 -14.76 14.74
C LEU B 90 0.90 -14.19 15.92
N ASP B 91 -0.37 -14.53 15.98
CA ASP B 91 -1.24 -14.04 17.04
C ASP B 91 -1.04 -15.09 18.14
N LEU B 92 -0.14 -14.78 19.05
CA LEU B 92 0.34 -15.76 20.01
C LEU B 92 -0.57 -15.83 21.21
N LYS B 93 -1.21 -16.97 21.39
CA LYS B 93 -2.26 -17.08 22.40
C LYS B 93 -1.64 -17.44 23.75
N THR B 94 -0.90 -16.48 24.30
CA THR B 94 -0.13 -16.70 25.54
C THR B 94 -0.94 -16.30 26.77
N GLY B 95 -2.21 -15.93 26.55
CA GLY B 95 -3.04 -15.37 27.62
C GLY B 95 -3.23 -16.24 28.84
N SER B 96 -3.01 -17.53 28.71
CA SER B 96 -3.25 -18.45 29.83
C SER B 96 -1.98 -18.95 30.45
N LEU B 97 -0.84 -18.46 29.94
CA LEU B 97 0.42 -18.91 30.44
C LEU B 97 0.67 -18.41 31.85
N SER B 98 1.23 -19.27 32.66
CA SER B 98 1.73 -18.81 33.96
C SER B 98 2.99 -17.96 33.69
N ASN B 99 3.40 -17.19 34.70
CA ASN B 99 4.57 -16.38 34.48
C ASN B 99 5.78 -17.19 34.07
N ASP B 100 5.96 -18.35 34.69
CA ASP B 100 7.09 -19.23 34.43
C ASP B 100 7.08 -19.77 33.01
N GLN B 101 5.94 -19.71 32.34
CA GLN B 101 5.85 -20.25 30.99
C GLN B 101 6.10 -19.22 29.90
N VAL B 102 6.15 -17.95 30.27
CA VAL B 102 6.16 -16.89 29.25
C VAL B 102 7.50 -16.82 28.54
N ARG B 103 8.58 -16.80 29.31
CA ARG B 103 9.87 -16.78 28.64
C ARG B 103 10.12 -18.05 27.82
N PRO B 104 9.89 -19.27 28.41
CA PRO B 104 10.07 -20.48 27.62
C PRO B 104 9.18 -20.51 26.38
N ALA B 105 7.99 -19.95 26.47
CA ALA B 105 7.14 -19.87 25.28
C ALA B 105 7.84 -19.06 24.17
N GLY B 106 8.45 -17.94 24.54
CA GLY B 106 9.13 -17.09 23.56
C GLY B 106 10.30 -17.88 22.98
N GLU B 107 11.00 -18.58 23.86
CA GLU B 107 12.12 -19.44 23.42
C GLU B 107 11.64 -20.51 22.45
N ASN B 108 10.50 -21.12 22.77
CA ASN B 108 9.97 -22.19 21.94
C ASN B 108 9.51 -21.71 20.59
N VAL B 109 8.92 -20.53 20.57
CA VAL B 109 8.49 -19.95 19.30
C VAL B 109 9.71 -19.59 18.48
N ALA B 110 10.73 -19.03 19.13
CA ALA B 110 12.00 -18.73 18.43
C ALA B 110 12.55 -19.99 17.77
N LYS B 111 12.60 -21.07 18.53
CA LYS B 111 13.14 -22.35 18.05
C LYS B 111 12.31 -22.87 16.91
N GLU B 112 10.99 -22.73 17.02
CA GLU B 112 10.10 -23.15 15.93
C GLU B 112 10.37 -22.37 14.65
N LEU B 113 10.44 -21.05 14.78
CA LEU B 113 10.67 -20.19 13.62
C LEU B 113 12.06 -20.45 13.05
N LEU B 114 13.04 -20.54 13.93
CA LEU B 114 14.39 -20.83 13.47
C LEU B 114 14.46 -22.11 12.66
N GLN B 115 13.93 -23.19 13.23
CA GLN B 115 14.03 -24.49 12.63
C GLN B 115 13.11 -24.57 11.44
N ASN B 116 11.88 -24.12 11.61
CA ASN B 116 10.86 -24.44 10.61
C ASN B 116 10.58 -23.39 9.60
N TYR B 117 10.85 -22.14 9.96
CA TYR B 117 10.50 -21.10 9.06
C TYR B 117 11.73 -20.59 8.39
N TRP B 118 12.74 -20.29 9.21
CA TRP B 118 14.00 -19.76 8.71
C TRP B 118 14.97 -20.84 8.35
N ASN B 119 14.59 -22.08 8.65
CA ASN B 119 15.39 -23.29 8.37
C ASN B 119 16.84 -23.13 8.83
N ASN B 120 17.00 -22.69 10.08
CA ASN B 120 18.32 -22.43 10.68
C ASN B 120 19.17 -21.47 9.88
N GLY B 121 18.52 -20.53 9.20
CA GLY B 121 19.24 -19.56 8.41
C GLY B 121 19.63 -20.11 7.04
N ASN B 122 19.28 -21.35 6.76
CA ASN B 122 19.63 -21.97 5.48
C ASN B 122 18.50 -21.79 4.48
N ASN B 123 18.49 -20.63 3.84
CA ASN B 123 17.51 -20.34 2.80
C ASN B 123 16.10 -20.42 3.38
N GLY B 124 15.88 -19.64 4.42
CA GLY B 124 14.58 -19.68 5.06
C GLY B 124 13.62 -18.75 4.35
N GLY B 125 12.39 -18.69 4.85
CA GLY B 125 11.38 -17.82 4.26
C GLY B 125 11.80 -16.38 4.49
N ARG B 126 11.42 -15.53 3.56
CA ARG B 126 11.91 -14.16 3.58
C ARG B 126 10.88 -13.23 4.18
N ALA B 127 9.66 -13.74 4.43
CA ALA B 127 8.61 -12.89 4.97
C ALA B 127 8.97 -12.38 6.36
N TYR B 128 8.48 -11.19 6.65
CA TYR B 128 8.64 -10.59 7.96
C TYR B 128 7.64 -11.23 8.89
N VAL B 129 7.99 -11.31 10.16
CA VAL B 129 7.12 -11.96 11.12
C VAL B 129 6.83 -10.97 12.21
N VAL B 130 5.55 -10.79 12.50
CA VAL B 130 5.18 -9.99 13.65
C VAL B 130 4.73 -10.93 14.76
N LEU B 131 5.37 -10.81 15.93
CA LEU B 131 4.97 -11.56 17.12
C LEU B 131 3.96 -10.70 17.83
N SER B 132 2.71 -11.16 17.82
CA SER B 132 1.66 -10.37 18.41
C SER B 132 1.34 -11.05 19.73
N LEU B 133 1.66 -10.35 20.81
CA LEU B 133 1.37 -10.85 22.14
C LEU B 133 0.22 -10.09 22.76
N PRO B 134 -0.63 -10.82 23.46
CA PRO B 134 -1.88 -10.27 23.98
C PRO B 134 -1.75 -9.63 25.36
N ASP B 135 -0.53 -9.46 25.83
CA ASP B 135 -0.33 -8.89 27.14
C ASP B 135 0.97 -8.12 27.10
N ILE B 136 0.92 -6.82 27.38
CA ILE B 136 2.16 -6.06 27.43
C ILE B 136 3.10 -6.61 28.49
N GLY B 137 2.55 -7.34 29.46
CA GLY B 137 3.37 -7.88 30.54
C GLY B 137 4.09 -9.16 30.11
N HIS B 138 3.87 -9.60 28.86
CA HIS B 138 4.54 -10.80 28.37
C HIS B 138 5.83 -10.50 27.64
N TYR B 139 6.44 -9.36 27.96
CA TYR B 139 7.62 -8.97 27.24
C TYR B 139 8.79 -9.95 27.44
N GLU B 140 8.76 -10.75 28.50
CA GLU B 140 9.80 -11.78 28.63
C GLU B 140 9.76 -12.83 27.54
N PHE B 141 8.60 -12.98 26.92
CA PHE B 141 8.49 -13.85 25.78
C PHE B 141 9.47 -13.35 24.70
N VAL B 142 9.48 -12.05 24.49
CA VAL B 142 10.37 -11.48 23.47
C VAL B 142 11.82 -11.59 23.90
N ARG B 143 12.09 -11.36 25.17
CA ARG B 143 13.45 -11.48 25.67
C ARG B 143 13.97 -12.88 25.45
N GLY B 144 13.15 -13.90 25.73
CA GLY B 144 13.54 -15.30 25.51
C GLY B 144 13.69 -15.64 24.04
N PHE B 145 12.77 -15.12 23.25
CA PHE B 145 12.78 -15.29 21.82
C PHE B 145 14.09 -14.74 21.25
N LYS B 146 14.41 -13.51 21.63
CA LYS B 146 15.61 -12.85 21.09
C LYS B 146 16.84 -13.60 21.58
N GLU B 147 16.79 -14.06 22.82
CA GLU B 147 17.92 -14.76 23.41
C GLU B 147 18.27 -16.05 22.66
N VAL B 148 17.24 -16.79 22.26
CA VAL B 148 17.42 -18.00 21.47
C VAL B 148 18.08 -17.67 20.14
N LEU B 149 17.56 -16.66 19.46
CA LEU B 149 18.05 -16.34 18.11
C LEU B 149 19.51 -15.92 18.20
N LYS B 150 19.80 -15.09 19.18
CA LYS B 150 21.17 -14.61 19.38
C LYS B 150 22.10 -15.75 19.78
N LYS B 151 21.64 -16.62 20.68
CA LYS B 151 22.49 -17.73 21.10
C LYS B 151 22.75 -18.74 19.99
N GLU B 152 21.80 -18.92 19.07
CA GLU B 152 22.00 -19.89 18.01
C GLU B 152 22.79 -19.30 16.86
N GLY B 153 23.18 -18.04 17.01
CA GLY B 153 24.01 -17.34 16.04
C GLY B 153 23.19 -16.80 14.90
N HIS B 154 21.94 -16.46 15.18
CA HIS B 154 21.06 -15.91 14.14
C HIS B 154 20.40 -14.63 14.57
N GLU B 155 21.16 -13.75 15.24
CA GLU B 155 20.64 -12.46 15.62
C GLU B 155 20.21 -11.64 14.40
N ASP B 156 20.87 -11.85 13.27
CA ASP B 156 20.43 -11.20 12.05
C ASP B 156 18.97 -11.45 11.70
N LEU B 157 18.43 -12.62 12.07
CA LEU B 157 17.03 -12.94 11.78
C LEU B 157 16.06 -12.02 12.48
N LEU B 158 16.52 -11.35 13.54
CA LEU B 158 15.69 -10.35 14.18
C LEU B 158 15.41 -9.16 13.25
N GLU B 159 16.15 -9.07 12.15
CA GLU B 159 15.82 -8.06 11.16
C GLU B 159 14.41 -8.27 10.59
N LYS B 160 13.97 -9.51 10.65
CA LYS B 160 12.74 -10.00 9.99
C LYS B 160 11.59 -10.07 10.98
N VAL B 161 11.88 -9.67 12.21
CA VAL B 161 10.93 -9.89 13.32
C VAL B 161 10.48 -8.57 13.85
N GLY B 162 9.16 -8.48 14.04
CA GLY B 162 8.51 -7.31 14.60
C GLY B 162 7.62 -7.77 15.73
N TYR B 163 7.07 -6.78 16.40
CA TYR B 163 6.40 -7.01 17.66
C TYR B 163 5.15 -6.20 17.79
N ASP B 164 4.15 -6.81 18.43
CA ASP B 164 2.93 -6.06 18.66
C ASP B 164 2.47 -6.55 20.00
N PHE B 165 2.62 -5.71 21.02
CA PHE B 165 2.15 -6.08 22.35
C PHE B 165 0.87 -5.33 22.47
N SER B 166 -0.23 -6.04 22.63
CA SER B 166 -1.48 -5.37 22.92
C SER B 166 -2.04 -5.99 24.19
N GLY B 167 -3.00 -5.33 24.80
CA GLY B 167 -3.60 -5.91 25.98
C GLY B 167 -2.66 -6.03 27.16
N PRO B 168 -3.13 -6.66 28.23
CA PRO B 168 -4.39 -7.38 28.21
C PRO B 168 -5.58 -6.43 28.22
N TYR B 169 -6.78 -6.93 27.96
CA TYR B 169 -7.97 -6.09 27.95
C TYR B 169 -8.55 -5.85 29.35
N LEU B 170 -8.02 -6.57 30.33
CA LEU B 170 -8.44 -6.43 31.72
C LEU B 170 -7.19 -6.46 32.56
N PRO B 171 -7.19 -5.79 33.73
CA PRO B 171 -8.25 -4.98 34.28
C PRO B 171 -8.50 -3.72 33.49
N SER B 172 -7.54 -3.30 32.67
CA SER B 172 -7.80 -2.22 31.73
C SER B 172 -6.85 -2.30 30.55
N LEU B 173 -7.23 -1.66 29.46
CA LEU B 173 -6.38 -1.62 28.27
C LEU B 173 -5.13 -0.82 28.56
N PRO B 174 -3.97 -1.27 28.04
CA PRO B 174 -2.74 -0.53 28.23
C PRO B 174 -2.83 0.79 27.50
N THR B 175 -2.27 1.82 28.10
CA THR B 175 -2.12 3.07 27.38
C THR B 175 -0.97 2.88 26.40
N LEU B 176 -0.82 3.81 25.47
CA LEU B 176 0.33 3.78 24.57
C LEU B 176 1.63 3.87 25.36
N ASP B 177 1.65 4.72 26.39
CA ASP B 177 2.85 4.85 27.21
C ASP B 177 3.28 3.50 27.79
N ALA B 178 2.31 2.80 28.35
CA ALA B 178 2.53 1.51 28.97
C ALA B 178 3.07 0.52 27.93
N THR B 179 2.46 0.55 26.76
CA THR B 179 2.87 -0.29 25.62
C THR B 179 4.32 0.02 25.25
N HIS B 180 4.61 1.30 25.12
CA HIS B 180 5.94 1.71 24.75
C HIS B 180 6.90 1.20 25.81
N GLU B 181 6.54 1.37 27.07
CA GLU B 181 7.39 0.88 28.16
C GLU B 181 7.64 -0.61 28.08
N ALA B 182 6.62 -1.38 27.71
CA ALA B 182 6.70 -2.82 27.56
C ALA B 182 7.73 -3.17 26.50
N TYR B 183 7.72 -2.41 25.40
CA TYR B 183 8.73 -2.63 24.38
C TYR B 183 10.15 -2.43 24.91
N LYS B 184 10.35 -1.37 25.67
CA LYS B 184 11.67 -1.05 26.24
C LYS B 184 12.09 -2.20 27.14
N LYS B 185 11.14 -2.67 27.94
CA LYS B 185 11.41 -3.81 28.83
C LYS B 185 11.73 -5.07 28.04
N ALA B 186 11.16 -5.19 26.86
CA ALA B 186 11.49 -6.30 25.97
C ALA B 186 12.81 -6.06 25.23
N GLY B 187 13.36 -4.86 25.29
CA GLY B 187 14.57 -4.56 24.55
C GLY B 187 14.24 -4.32 23.07
N VAL B 188 13.00 -3.92 22.84
CA VAL B 188 12.48 -3.64 21.49
C VAL B 188 12.52 -2.14 21.24
N ASP B 189 13.32 -1.75 20.26
CA ASP B 189 13.46 -0.35 19.97
C ASP B 189 13.12 -0.07 18.54
N GLY B 190 12.38 -0.98 17.92
CA GLY B 190 11.93 -0.74 16.56
C GLY B 190 11.16 -1.99 16.15
N HIS B 191 10.60 -1.95 14.94
CA HIS B 191 9.87 -3.10 14.39
C HIS B 191 8.60 -3.27 15.20
N ILE B 192 7.87 -2.20 15.40
CA ILE B 192 6.71 -2.23 16.28
C ILE B 192 5.46 -1.99 15.47
N TRP B 193 4.54 -2.93 15.61
CA TRP B 193 3.24 -2.87 15.02
C TRP B 193 2.22 -2.68 16.11
N LEU B 194 1.23 -1.84 15.85
CA LEU B 194 0.17 -1.69 16.84
C LEU B 194 -1.09 -2.14 16.18
N SER B 195 -1.84 -2.99 16.86
CA SER B 195 -3.10 -3.35 16.27
C SER B 195 -4.22 -2.70 17.01
N ASP B 196 -5.28 -2.43 16.28
CA ASP B 196 -6.48 -1.95 16.89
C ASP B 196 -7.65 -2.72 16.28
N GLY B 197 -8.41 -3.40 17.13
CA GLY B 197 -9.55 -4.15 16.62
C GLY B 197 -10.38 -4.69 17.74
N LEU B 198 -10.09 -5.93 18.13
CA LEU B 198 -10.86 -6.73 19.09
C LEU B 198 -11.86 -5.95 19.94
N THR B 199 -11.34 -5.06 20.78
CA THR B 199 -12.20 -4.25 21.63
C THR B 199 -12.83 -3.08 20.90
N ASN B 200 -14.14 -3.17 20.76
CA ASN B 200 -14.99 -2.03 20.48
C ASN B 200 -15.82 -1.75 21.73
N PHE B 201 -15.17 -1.88 22.89
CA PHE B 201 -15.83 -1.81 24.21
C PHE B 201 -16.18 -0.40 24.69
N SER B 202 -15.54 0.60 24.09
CA SER B 202 -15.73 1.98 24.51
C SER B 202 -15.67 2.85 23.27
N PRO B 203 -16.73 2.79 22.42
CA PRO B 203 -16.65 3.26 21.03
C PRO B 203 -15.96 4.61 20.84
N LEU B 204 -16.33 5.58 21.66
CA LEU B 204 -15.78 6.93 21.56
C LEU B 204 -14.31 6.97 22.02
N GLY B 205 -14.01 6.21 23.08
CA GLY B 205 -12.62 6.03 23.52
C GLY B 205 -11.77 5.21 22.56
N ASP B 206 -12.41 4.32 21.80
CA ASP B 206 -11.72 3.52 20.79
C ASP B 206 -11.42 4.34 19.53
N MET B 207 -12.37 5.20 19.16
CA MET B 207 -12.12 6.21 18.12
C MET B 207 -10.92 7.05 18.54
N ALA B 208 -10.93 7.44 19.82
CA ALA B 208 -9.85 8.25 20.38
C ALA B 208 -8.56 7.46 20.41
N ARG B 209 -8.66 6.18 20.77
CA ARG B 209 -7.48 5.33 20.88
C ARG B 209 -6.82 5.21 19.50
N LEU B 210 -7.64 5.00 18.48
CA LEU B 210 -7.08 4.84 17.13
C LEU B 210 -6.40 6.12 16.73
N LYS B 211 -7.09 7.25 16.90
CA LYS B 211 -6.52 8.51 16.51
C LYS B 211 -5.26 8.81 17.32
N GLU B 212 -5.27 8.44 18.60
CA GLU B 212 -4.13 8.66 19.49
C GLU B 212 -2.94 7.87 18.95
N ALA B 213 -3.21 6.63 18.55
CA ALA B 213 -2.17 5.75 18.04
C ALA B 213 -1.60 6.31 16.75
N ILE B 214 -2.50 6.76 15.88
CA ILE B 214 -2.06 7.31 14.58
C ILE B 214 -1.20 8.53 14.81
N LYS B 215 -1.67 9.42 15.68
CA LYS B 215 -0.92 10.61 16.02
C LYS B 215 0.43 10.22 16.62
N SER B 216 0.44 9.24 17.52
CA SER B 216 1.68 8.78 18.15
C SER B 216 2.63 8.22 17.08
N ARG B 217 2.11 7.36 16.22
CA ARG B 217 2.92 6.83 15.15
C ARG B 217 3.54 7.97 14.35
N ASP B 218 2.74 8.98 14.07
CA ASP B 218 3.18 10.03 13.15
C ASP B 218 3.90 11.17 13.86
N SER B 219 4.13 10.98 15.15
CA SER B 219 4.76 11.98 15.99
C SER B 219 6.26 11.90 15.89
N ALA B 220 6.91 13.01 16.27
CA ALA B 220 8.34 13.21 16.16
C ALA B 220 9.21 12.04 16.56
N ASN B 221 9.01 11.58 17.79
CA ASN B 221 9.84 10.53 18.37
C ASN B 221 9.01 9.29 18.60
N GLY B 222 8.11 9.02 17.65
CA GLY B 222 7.16 7.93 17.76
C GLY B 222 7.85 6.57 17.82
N PHE B 223 7.17 5.60 18.40
CA PHE B 223 7.73 4.25 18.52
C PHE B 223 6.98 3.25 17.66
N ILE B 224 5.73 3.57 17.30
CA ILE B 224 4.92 2.68 16.50
C ILE B 224 5.38 2.86 15.05
N ASN B 225 5.70 1.75 14.41
CA ASN B 225 5.99 1.79 12.98
C ASN B 225 4.76 1.64 12.11
N LYS B 226 3.94 0.64 12.42
CA LYS B 226 2.76 0.42 11.59
C LYS B 226 1.59 0.21 12.49
N ILE B 227 0.41 0.59 12.00
CA ILE B 227 -0.82 0.30 12.71
C ILE B 227 -1.68 -0.52 11.79
N TYR B 228 -2.23 -1.61 12.33
CA TYR B 228 -3.16 -2.41 11.58
C TYR B 228 -4.45 -2.53 12.36
N TYR B 229 -5.53 -2.61 11.61
CA TYR B 229 -6.86 -2.59 12.18
C TYR B 229 -7.52 -3.89 11.81
N TRP B 230 -8.20 -4.56 12.74
CA TRP B 230 -8.72 -5.85 12.27
C TRP B 230 -10.18 -6.14 12.12
N SER B 231 -10.41 -7.12 11.23
CA SER B 231 -11.64 -7.36 10.55
C SER B 231 -12.22 -6.06 10.01
N VAL B 232 -11.56 -5.62 8.96
CA VAL B 232 -12.14 -4.67 8.07
C VAL B 232 -12.53 -5.51 6.85
N ASP B 233 -13.82 -5.66 6.61
CA ASP B 233 -14.29 -6.61 5.61
C ASP B 233 -15.17 -6.01 4.52
N LYS B 234 -15.51 -4.74 4.65
CA LYS B 234 -16.40 -4.13 3.65
C LYS B 234 -15.66 -3.01 2.98
N VAL B 235 -16.12 -2.64 1.79
CA VAL B 235 -15.51 -1.54 1.10
C VAL B 235 -15.52 -0.30 1.97
N SER B 236 -16.69 -0.01 2.55
CA SER B 236 -16.85 1.23 3.30
C SER B 236 -15.84 1.33 4.43
N THR B 237 -15.70 0.25 5.19
CA THR B 237 -14.85 0.26 6.36
C THR B 237 -13.39 0.18 5.91
N THR B 238 -13.15 -0.46 4.78
CA THR B 238 -11.79 -0.50 4.22
C THR B 238 -11.32 0.91 3.85
N LYS B 239 -12.16 1.61 3.12
CA LYS B 239 -11.91 3.00 2.80
C LYS B 239 -11.71 3.82 4.06
N ALA B 240 -12.59 3.64 5.05
CA ALA B 240 -12.46 4.41 6.29
C ALA B 240 -11.11 4.15 6.94
N ALA B 241 -10.72 2.88 6.99
CA ALA B 241 -9.46 2.51 7.64
C ALA B 241 -8.31 3.18 6.92
N LEU B 242 -8.32 3.11 5.59
CA LEU B 242 -7.26 3.74 4.81
C LEU B 242 -7.25 5.23 5.03
N ASP B 243 -8.46 5.79 5.01
CA ASP B 243 -8.57 7.24 5.14
C ASP B 243 -8.16 7.75 6.52
N VAL B 244 -8.28 6.92 7.55
CA VAL B 244 -7.87 7.36 8.91
C VAL B 244 -6.37 7.25 9.01
N GLY B 245 -5.75 6.49 8.09
CA GLY B 245 -4.31 6.41 8.02
C GLY B 245 -3.65 5.13 8.48
N VAL B 246 -4.40 4.02 8.56
CA VAL B 246 -3.79 2.77 9.00
C VAL B 246 -2.84 2.23 7.93
N ASP B 247 -1.88 1.44 8.37
CA ASP B 247 -0.91 0.85 7.44
C ASP B 247 -1.33 -0.55 7.08
N GLY B 248 -2.18 -1.16 7.89
CA GLY B 248 -2.46 -2.60 7.79
C GLY B 248 -3.95 -2.79 7.95
N ILE B 249 -4.53 -3.62 7.10
CA ILE B 249 -5.93 -3.96 7.16
C ILE B 249 -5.95 -5.44 7.37
N MET B 250 -6.51 -5.88 8.51
CA MET B 250 -6.69 -7.29 8.66
C MET B 250 -8.10 -7.60 8.29
N THR B 251 -8.28 -8.62 7.47
CA THR B 251 -9.56 -8.79 6.84
C THR B 251 -9.81 -10.25 6.56
N ASN B 252 -11.07 -10.64 6.59
CA ASN B 252 -11.44 -11.96 6.19
C ASN B 252 -11.52 -12.08 4.68
N TYR B 253 -11.46 -10.95 3.99
CA TYR B 253 -11.73 -10.91 2.52
C TYR B 253 -10.73 -9.98 1.86
N PRO B 254 -9.50 -10.44 1.68
CA PRO B 254 -8.44 -9.60 1.16
C PRO B 254 -8.76 -8.97 -0.19
N ASN B 255 -9.69 -9.58 -0.90
CA ASN B 255 -10.09 -9.02 -2.21
C ASN B 255 -10.74 -7.66 -2.10
N VAL B 256 -11.36 -7.40 -0.96
CA VAL B 256 -12.02 -6.09 -0.76
C VAL B 256 -11.02 -4.95 -0.89
N LEU B 257 -9.91 -5.07 -0.17
CA LEU B 257 -8.90 -4.03 -0.17
C LEU B 257 -8.26 -3.92 -1.53
N ILE B 258 -8.05 -5.07 -2.17
CA ILE B 258 -7.50 -5.03 -3.53
C ILE B 258 -8.38 -4.15 -4.42
N GLY B 259 -9.70 -4.36 -4.40
CA GLY B 259 -10.63 -3.54 -5.17
C GLY B 259 -10.57 -2.08 -4.78
N VAL B 260 -10.48 -1.83 -3.49
CA VAL B 260 -10.47 -0.45 -3.02
C VAL B 260 -9.20 0.25 -3.50
N LEU B 261 -8.08 -0.47 -3.44
CA LEU B 261 -6.79 0.11 -3.85
C LEU B 261 -6.74 0.43 -5.35
N LYS B 262 -7.67 -0.14 -6.13
CA LYS B 262 -7.80 0.20 -7.56
C LYS B 262 -8.58 1.50 -7.76
N GLU B 263 -9.36 1.88 -6.76
CA GLU B 263 -10.30 2.98 -6.94
C GLU B 263 -9.65 4.34 -7.05
N SER B 264 -10.26 5.15 -7.89
CA SER B 264 -9.87 6.53 -8.04
C SER B 264 -9.79 7.14 -6.66
N GLY B 265 -8.79 7.97 -6.44
CA GLY B 265 -8.62 8.57 -5.13
C GLY B 265 -7.69 7.67 -4.34
N TYR B 266 -8.24 6.53 -3.88
CA TYR B 266 -7.49 5.51 -3.13
C TYR B 266 -6.19 5.16 -3.79
N ASN B 267 -6.23 4.99 -5.10
CA ASN B 267 -5.08 4.50 -5.80
C ASN B 267 -3.94 5.51 -5.89
N ASP B 268 -4.20 6.74 -5.48
CA ASP B 268 -3.14 7.75 -5.49
C ASP B 268 -2.67 8.05 -4.09
N LYS B 269 -3.19 7.31 -3.11
CA LYS B 269 -2.85 7.61 -1.73
C LYS B 269 -2.31 6.38 -1.02
N TYR B 270 -2.73 5.20 -1.48
CA TYR B 270 -2.43 3.95 -0.81
C TYR B 270 -2.04 2.93 -1.83
N ARG B 271 -1.18 2.02 -1.45
CA ARG B 271 -0.81 0.95 -2.31
C ARG B 271 -0.48 -0.29 -1.53
N LEU B 272 -0.61 -1.42 -2.18
CA LEU B 272 -0.35 -2.69 -1.56
C LEU B 272 1.15 -2.80 -1.30
N ALA B 273 1.52 -3.11 -0.07
CA ALA B 273 2.93 -3.18 0.28
C ALA B 273 3.61 -4.31 -0.46
N THR B 274 4.88 -4.09 -0.78
CA THR B 274 5.63 -5.13 -1.42
C THR B 274 6.82 -5.38 -0.54
N TYR B 275 7.58 -6.39 -0.93
CA TYR B 275 8.66 -6.84 -0.11
C TYR B 275 9.62 -5.70 0.20
N ASP B 276 9.75 -4.75 -0.71
CA ASP B 276 10.71 -3.68 -0.52
C ASP B 276 10.21 -2.56 0.37
N ASP B 277 8.97 -2.68 0.82
CA ASP B 277 8.47 -1.80 1.84
C ASP B 277 8.80 -2.40 3.18
N ASN B 278 9.73 -1.76 3.87
CA ASN B 278 10.18 -2.26 5.14
C ASN B 278 9.03 -2.15 6.13
N PRO B 279 8.55 -3.29 6.67
CA PRO B 279 7.39 -3.15 7.56
C PRO B 279 7.74 -2.48 8.89
N TRP B 280 9.02 -2.30 9.16
CA TRP B 280 9.46 -1.66 10.38
C TRP B 280 9.74 -0.18 10.17
N GLU B 281 9.43 0.32 8.97
CA GLU B 281 9.67 1.71 8.69
C GLU B 281 8.40 2.51 8.80
N THR B 282 8.41 3.54 9.63
CA THR B 282 7.21 4.37 9.75
C THR B 282 7.02 5.14 8.43
N PHE B 283 5.82 5.07 7.87
CA PHE B 283 5.56 5.79 6.64
C PHE B 283 5.57 7.29 6.89
N LYS B 284 6.35 7.99 6.07
CA LYS B 284 6.32 9.45 6.00
C LYS B 284 6.16 9.89 4.55
N ASN B 285 5.21 10.79 4.31
CA ASN B 285 4.99 11.42 3.00
C ASN B 285 3.93 12.52 3.05
N ALA C 1 -0.28 -15.86 -49.98
CA ALA C 1 -1.49 -15.94 -49.08
C ALA C 1 -1.82 -14.60 -48.40
N ASP C 2 -0.82 -13.71 -48.32
CA ASP C 2 -1.00 -12.36 -47.78
C ASP C 2 0.14 -11.49 -48.30
N ASN C 3 -0.19 -10.28 -48.74
CA ASN C 3 0.81 -9.36 -49.26
C ASN C 3 0.64 -7.90 -48.81
N ARG C 4 -0.23 -7.65 -47.85
CA ARG C 4 -0.41 -6.31 -47.34
C ARG C 4 0.58 -6.02 -46.23
N ARG C 5 1.10 -4.79 -46.23
CA ARG C 5 2.02 -4.41 -45.19
C ARG C 5 1.29 -4.39 -43.86
N PRO C 6 1.82 -5.12 -42.87
CA PRO C 6 1.21 -5.10 -41.57
C PRO C 6 1.64 -3.79 -40.90
N ILE C 7 0.68 -3.16 -40.24
CA ILE C 7 0.88 -1.81 -39.73
C ILE C 7 0.71 -1.81 -38.23
N TRP C 8 1.69 -1.22 -37.53
CA TRP C 8 1.55 -0.99 -36.10
C TRP C 8 0.91 0.39 -35.91
N ASN C 9 -0.24 0.36 -35.28
CA ASN C 9 -1.03 1.53 -34.98
C ASN C 9 -0.67 1.86 -33.53
N LEU C 10 0.30 2.74 -33.34
CA LEU C 10 0.92 2.98 -32.04
C LEU C 10 0.25 4.17 -31.43
N ALA C 11 -0.51 3.93 -30.36
CA ALA C 11 -1.09 5.02 -29.59
C ALA C 11 0.06 5.77 -28.92
N HIS C 12 0.08 7.07 -29.21
CA HIS C 12 1.15 7.93 -28.77
C HIS C 12 0.94 8.38 -27.32
N MET C 13 2.02 8.37 -26.55
CA MET C 13 2.05 9.01 -25.27
C MET C 13 0.91 8.49 -24.37
N VAL C 14 0.95 7.20 -24.10
CA VAL C 14 -0.08 6.58 -23.25
C VAL C 14 0.64 6.30 -21.96
N ASN C 15 0.58 7.25 -21.04
CA ASN C 15 1.36 7.14 -19.83
C ASN C 15 0.56 6.85 -18.59
N ALA C 16 -0.76 6.85 -18.72
CA ALA C 16 -1.61 6.51 -17.57
C ALA C 16 -2.28 5.17 -17.88
N VAL C 17 -2.38 4.31 -16.86
CA VAL C 17 -2.87 2.96 -17.13
C VAL C 17 -4.32 3.00 -17.57
N ALA C 18 -5.04 3.99 -17.10
CA ALA C 18 -6.45 4.15 -17.43
C ALA C 18 -6.62 4.38 -18.94
N GLN C 19 -5.60 4.97 -19.56
CA GLN C 19 -5.68 5.30 -20.97
C GLN C 19 -5.43 4.10 -21.86
N ILE C 20 -4.79 3.08 -21.30
CA ILE C 20 -4.44 1.91 -22.10
C ILE C 20 -5.66 1.33 -22.83
N PRO C 21 -6.69 0.88 -22.07
CA PRO C 21 -7.81 0.30 -22.76
C PRO C 21 -8.49 1.29 -23.71
N ASP C 22 -8.45 2.58 -23.35
CA ASP C 22 -9.09 3.60 -24.18
C ASP C 22 -8.43 3.64 -25.53
N PHE C 23 -7.10 3.65 -25.56
CA PHE C 23 -6.41 3.69 -26.84
C PHE C 23 -6.54 2.39 -27.62
N LEU C 24 -6.52 1.28 -26.89
CA LEU C 24 -6.77 0.00 -27.56
C LEU C 24 -8.15 0.01 -28.18
N ASP C 25 -9.14 0.49 -27.43
CA ASP C 25 -10.51 0.60 -27.91
C ASP C 25 -10.61 1.47 -29.14
N LEU C 26 -9.75 2.50 -29.22
CA LEU C 26 -9.71 3.33 -30.42
C LEU C 26 -9.19 2.58 -31.63
N GLY C 27 -8.49 1.48 -31.39
CA GLY C 27 -8.03 0.63 -32.46
C GLY C 27 -6.53 0.41 -32.48
N ALA C 28 -5.81 0.96 -31.49
CA ALA C 28 -4.37 0.74 -31.48
C ALA C 28 -4.05 -0.75 -31.22
N ASN C 29 -3.04 -1.23 -31.90
CA ASN C 29 -2.48 -2.54 -31.53
C ASN C 29 -1.19 -2.36 -30.79
N ALA C 30 -0.81 -1.11 -30.54
CA ALA C 30 0.44 -0.87 -29.89
C ALA C 30 0.34 0.46 -29.18
N LEU C 31 1.22 0.67 -28.22
CA LEU C 31 1.26 1.98 -27.59
C LEU C 31 2.67 2.36 -27.26
N GLU C 32 2.85 3.65 -27.06
CA GLU C 32 4.12 4.19 -26.70
C GLU C 32 3.98 4.89 -25.34
N ALA C 33 4.95 4.65 -24.45
CA ALA C 33 4.93 5.25 -23.12
C ALA C 33 6.27 5.90 -22.95
N ASP C 34 6.28 7.02 -22.27
CA ASP C 34 7.52 7.77 -21.98
C ASP C 34 8.02 7.43 -20.62
N VAL C 35 9.19 6.82 -20.55
CA VAL C 35 9.72 6.35 -19.30
C VAL C 35 10.72 7.37 -18.82
N THR C 36 10.38 8.01 -17.71
CA THR C 36 11.26 9.00 -17.13
C THR C 36 12.30 8.30 -16.26
N PHE C 37 13.42 8.97 -16.08
CA PHE C 37 14.48 8.45 -15.26
C PHE C 37 14.84 9.40 -14.16
N LYS C 38 15.13 8.89 -12.98
CA LYS C 38 15.82 9.69 -12.00
C LYS C 38 17.17 9.04 -11.89
N GLY C 39 18.19 9.70 -12.43
CA GLY C 39 19.48 9.02 -12.63
C GLY C 39 19.19 7.77 -13.45
N SER C 40 19.73 6.63 -13.03
CA SER C 40 19.55 5.42 -13.80
C SER C 40 18.25 4.68 -13.46
N VAL C 41 17.39 5.28 -12.64
CA VAL C 41 16.20 4.57 -12.17
C VAL C 41 14.97 4.99 -12.99
N PRO C 42 14.43 4.06 -13.77
CA PRO C 42 13.20 4.37 -14.52
C PRO C 42 12.08 4.53 -13.50
N THR C 43 11.41 5.67 -13.57
CA THR C 43 10.59 6.06 -12.45
C THR C 43 9.11 6.16 -12.79
N TYR C 44 8.81 6.93 -13.81
CA TYR C 44 7.43 7.07 -14.23
C TYR C 44 7.26 6.81 -15.70
N THR C 45 6.01 6.59 -16.07
CA THR C 45 5.56 6.84 -17.43
C THR C 45 4.94 8.22 -17.35
N TYR C 46 5.53 9.13 -18.10
CA TYR C 46 5.11 10.53 -18.03
C TYR C 46 5.78 11.30 -19.12
N HIS C 47 5.03 12.19 -19.74
CA HIS C 47 5.59 12.97 -20.82
C HIS C 47 5.89 14.39 -20.38
N GLY C 48 4.86 15.06 -19.90
CA GLY C 48 4.98 16.42 -19.37
C GLY C 48 4.71 17.41 -20.48
N THR C 49 4.53 18.66 -20.10
CA THR C 49 4.28 19.66 -21.10
C THR C 49 5.61 20.17 -21.66
N PRO C 50 5.61 20.64 -22.91
CA PRO C 50 4.52 20.70 -23.86
C PRO C 50 4.31 19.35 -24.51
N CYS C 51 3.13 19.14 -25.05
CA CYS C 51 2.89 17.94 -25.80
C CYS C 51 1.93 18.31 -26.91
N ASP C 52 1.54 17.33 -27.71
CA ASP C 52 0.67 17.58 -28.84
C ASP C 52 -0.61 18.33 -28.48
N PHE C 53 -1.05 19.21 -29.37
CA PHE C 53 -2.39 19.75 -29.24
C PHE C 53 -3.38 18.64 -29.13
N GLY C 54 -4.39 18.85 -28.31
CA GLY C 54 -5.48 17.91 -28.21
C GLY C 54 -5.17 16.79 -27.26
N ARG C 55 -4.05 16.91 -26.54
CA ARG C 55 -3.66 15.91 -25.56
C ARG C 55 -3.32 16.53 -24.23
N ASP C 56 -3.78 15.90 -23.16
CA ASP C 56 -3.27 16.24 -21.84
C ASP C 56 -1.87 15.66 -21.75
N CYS C 57 -0.95 16.46 -21.21
CA CYS C 57 0.47 16.07 -21.24
C CYS C 57 0.96 15.41 -19.96
N ILE C 58 0.16 15.43 -18.90
CA ILE C 58 0.68 15.08 -17.58
C ILE C 58 0.05 13.85 -16.96
N ARG C 59 -0.57 13.03 -17.78
CA ARG C 59 -1.03 11.73 -17.30
C ARG C 59 0.19 10.88 -16.99
N TRP C 60 0.06 9.98 -16.04
CA TRP C 60 1.28 9.34 -15.60
C TRP C 60 1.00 8.10 -14.81
N GLU C 61 2.07 7.34 -14.61
CA GLU C 61 2.02 6.15 -13.79
C GLU C 61 3.42 5.89 -13.27
N TYR C 62 3.52 5.19 -12.13
CA TYR C 62 4.80 4.64 -11.73
C TYR C 62 5.16 3.61 -12.77
N PHE C 63 6.42 3.62 -13.19
CA PHE C 63 6.88 2.74 -14.23
C PHE C 63 6.53 1.30 -13.93
N ASN C 64 6.82 0.86 -12.71
CA ASN C 64 6.51 -0.52 -12.36
C ASN C 64 5.03 -0.85 -12.50
N VAL C 65 4.18 0.05 -12.04
CA VAL C 65 2.75 -0.17 -12.06
C VAL C 65 2.27 -0.22 -13.50
N PHE C 66 2.85 0.67 -14.32
CA PHE C 66 2.52 0.68 -15.72
C PHE C 66 2.84 -0.65 -16.37
N LEU C 67 4.00 -1.20 -16.05
CA LEU C 67 4.39 -2.47 -16.66
C LEU C 67 3.47 -3.60 -16.18
N LYS C 68 3.11 -3.58 -14.91
CA LYS C 68 2.18 -4.59 -14.38
C LYS C 68 0.84 -4.55 -15.12
N THR C 69 0.39 -3.36 -15.45
CA THR C 69 -0.83 -3.21 -16.20
C THR C 69 -0.66 -3.66 -17.65
N LEU C 70 0.47 -3.31 -18.27
CA LEU C 70 0.76 -3.82 -19.59
C LEU C 70 0.69 -5.35 -19.58
N ARG C 71 1.22 -5.95 -18.52
CA ARG C 71 1.23 -7.40 -18.41
C ARG C 71 -0.19 -7.94 -18.44
N GLU C 72 -1.07 -7.33 -17.63
CA GLU C 72 -2.46 -7.77 -17.55
C GLU C 72 -3.15 -7.73 -18.90
N TYR C 73 -2.97 -6.63 -19.63
CA TYR C 73 -3.53 -6.52 -20.97
C TYR C 73 -2.95 -7.45 -22.02
N THR C 74 -1.82 -8.10 -21.71
CA THR C 74 -1.15 -8.85 -22.77
C THR C 74 -0.82 -10.26 -22.31
N THR C 75 -1.48 -10.67 -21.23
CA THR C 75 -1.32 -12.04 -20.74
C THR C 75 -2.59 -12.80 -21.05
N PRO C 76 -2.50 -13.77 -21.96
CA PRO C 76 -3.69 -14.53 -22.28
C PRO C 76 -4.29 -15.17 -21.05
N GLY C 77 -5.61 -15.18 -20.97
CA GLY C 77 -6.34 -15.66 -19.80
C GLY C 77 -6.55 -14.60 -18.73
N ASN C 78 -5.84 -13.48 -18.82
CA ASN C 78 -6.15 -12.39 -17.92
C ASN C 78 -7.49 -11.75 -18.27
N ALA C 79 -8.22 -11.29 -17.26
CA ALA C 79 -9.52 -10.63 -17.52
C ALA C 79 -9.35 -9.45 -18.49
N LYS C 80 -8.22 -8.76 -18.36
CA LYS C 80 -7.90 -7.58 -19.19
C LYS C 80 -7.31 -7.90 -20.54
N TYR C 81 -7.01 -9.18 -20.79
CA TYR C 81 -6.26 -9.57 -21.98
C TYR C 81 -6.84 -9.08 -23.31
N ARG C 82 -5.99 -8.43 -24.09
CA ARG C 82 -6.36 -7.92 -25.41
C ARG C 82 -5.44 -8.58 -26.39
N ASP C 83 -5.99 -9.52 -27.15
CA ASP C 83 -5.11 -10.23 -28.06
C ASP C 83 -4.63 -9.33 -29.19
N GLY C 84 -5.27 -8.17 -29.34
CA GLY C 84 -4.89 -7.20 -30.35
C GLY C 84 -3.78 -6.24 -29.96
N PHE C 85 -3.40 -6.28 -28.70
CA PHE C 85 -2.35 -5.38 -28.20
C PHE C 85 -1.04 -6.13 -28.24
N ILE C 86 -0.20 -5.78 -29.20
CA ILE C 86 0.90 -6.65 -29.62
C ILE C 86 2.31 -6.08 -29.39
N LEU C 87 2.41 -4.81 -29.06
CA LEU C 87 3.70 -4.20 -28.96
C LEU C 87 3.56 -2.93 -28.20
N PHE C 88 4.55 -2.63 -27.41
CA PHE C 88 4.66 -1.27 -26.86
C PHE C 88 6.06 -0.74 -27.00
N VAL C 89 6.15 0.57 -27.11
CA VAL C 89 7.41 1.22 -27.28
C VAL C 89 7.64 1.92 -25.97
N LEU C 90 8.81 1.69 -25.40
CA LEU C 90 9.24 2.46 -24.25
C LEU C 90 10.15 3.55 -24.76
N ASP C 91 9.61 4.76 -24.75
CA ASP C 91 10.37 5.91 -25.15
C ASP C 91 11.19 6.30 -23.92
N LEU C 92 12.43 5.83 -23.88
CA LEU C 92 13.20 5.89 -22.64
C LEU C 92 13.95 7.19 -22.57
N LYS C 93 13.64 7.96 -21.55
CA LYS C 93 14.10 9.34 -21.47
C LYS C 93 15.44 9.39 -20.78
N THR C 94 16.44 8.87 -21.48
CA THR C 94 17.79 8.70 -20.91
C THR C 94 18.69 9.84 -21.32
N GLY C 95 18.09 10.81 -22.00
CA GLY C 95 18.82 11.92 -22.60
C GLY C 95 19.77 12.62 -21.64
N SER C 96 19.41 12.67 -20.37
CA SER C 96 20.20 13.41 -19.41
C SER C 96 21.11 12.54 -18.55
N LEU C 97 21.17 11.25 -18.84
CA LEU C 97 22.02 10.36 -18.04
C LEU C 97 23.49 10.68 -18.29
N SER C 98 24.30 10.52 -17.26
CA SER C 98 25.74 10.55 -17.41
C SER C 98 26.14 9.24 -18.08
N ASN C 99 27.29 9.22 -18.74
CA ASN C 99 27.77 7.96 -19.31
C ASN C 99 27.63 6.77 -18.36
N ASP C 100 28.04 6.97 -17.10
CA ASP C 100 28.05 5.93 -16.05
C ASP C 100 26.67 5.44 -15.66
N GLN C 101 25.66 6.22 -16.00
CA GLN C 101 24.29 5.88 -15.64
C GLN C 101 23.54 5.07 -16.70
N VAL C 102 24.09 5.03 -17.90
CA VAL C 102 23.42 4.43 -19.06
C VAL C 102 23.30 2.92 -18.91
N ARG C 103 24.40 2.26 -18.56
CA ARG C 103 24.33 0.82 -18.42
C ARG C 103 23.39 0.43 -17.27
N PRO C 104 23.58 1.02 -16.07
CA PRO C 104 22.63 0.72 -14.99
C PRO C 104 21.18 0.98 -15.35
N ALA C 105 20.92 2.02 -16.12
CA ALA C 105 19.54 2.32 -16.55
C ALA C 105 18.99 1.16 -17.37
N GLY C 106 19.79 0.64 -18.29
CA GLY C 106 19.41 -0.55 -19.07
C GLY C 106 19.13 -1.74 -18.18
N GLU C 107 20.03 -1.97 -17.23
CA GLU C 107 19.86 -3.05 -16.27
C GLU C 107 18.57 -2.85 -15.50
N ASN C 108 18.30 -1.62 -15.09
CA ASN C 108 17.12 -1.34 -14.32
C ASN C 108 15.81 -1.56 -15.07
N VAL C 109 15.78 -1.14 -16.32
CA VAL C 109 14.61 -1.33 -17.16
C VAL C 109 14.38 -2.84 -17.40
N ALA C 110 15.48 -3.55 -17.62
CA ALA C 110 15.39 -5.01 -17.76
C ALA C 110 14.80 -5.63 -16.51
N LYS C 111 15.32 -5.24 -15.34
CA LYS C 111 14.82 -5.79 -14.10
C LYS C 111 13.35 -5.49 -13.91
N GLU C 112 12.97 -4.26 -14.26
CA GLU C 112 11.59 -3.83 -14.17
C GLU C 112 10.69 -4.67 -15.05
N LEU C 113 11.13 -4.86 -16.29
CA LEU C 113 10.37 -5.65 -17.22
C LEU C 113 10.31 -7.11 -16.79
N LEU C 114 11.44 -7.63 -16.36
CA LEU C 114 11.47 -9.01 -15.92
C LEU C 114 10.49 -9.22 -14.76
N GLN C 115 10.57 -8.35 -13.77
CA GLN C 115 9.79 -8.54 -12.57
C GLN C 115 8.31 -8.27 -12.81
N ASN C 116 8.02 -7.16 -13.52
CA ASN C 116 6.65 -6.65 -13.57
C ASN C 116 5.88 -6.93 -14.84
N TYR C 117 6.61 -7.11 -15.93
CA TYR C 117 5.95 -7.33 -17.21
C TYR C 117 5.98 -8.79 -17.59
N TRP C 118 7.18 -9.37 -17.54
CA TRP C 118 7.33 -10.75 -17.94
C TRP C 118 7.17 -11.69 -16.76
N ASN C 119 7.05 -11.13 -15.57
CA ASN C 119 6.91 -11.88 -14.33
C ASN C 119 7.91 -13.05 -14.30
N ASN C 120 9.16 -12.75 -14.65
CA ASN C 120 10.24 -13.74 -14.61
C ASN C 120 9.97 -14.98 -15.45
N GLY C 121 9.30 -14.78 -16.57
CA GLY C 121 8.90 -15.89 -17.45
C GLY C 121 7.65 -16.61 -17.01
N ASN C 122 7.10 -16.24 -15.85
CA ASN C 122 5.94 -16.94 -15.29
C ASN C 122 4.63 -16.32 -15.71
N ASN C 123 4.16 -16.76 -16.87
CA ASN C 123 2.90 -16.32 -17.43
C ASN C 123 2.94 -14.80 -17.61
N GLY C 124 4.00 -14.32 -18.25
CA GLY C 124 4.20 -12.88 -18.42
C GLY C 124 3.44 -12.33 -19.61
N GLY C 125 3.51 -11.02 -19.81
CA GLY C 125 2.84 -10.41 -20.94
C GLY C 125 3.52 -10.82 -22.21
N ARG C 126 2.74 -10.90 -23.29
CA ARG C 126 3.24 -11.51 -24.51
C ARG C 126 3.59 -10.46 -25.57
N ALA C 127 3.22 -9.21 -25.35
CA ALA C 127 3.50 -8.19 -26.34
C ALA C 127 4.99 -7.98 -26.48
N TYR C 128 5.37 -7.51 -27.67
CA TYR C 128 6.74 -7.14 -27.97
C TYR C 128 7.03 -5.76 -27.40
N VAL C 129 8.29 -5.52 -27.06
CA VAL C 129 8.68 -4.24 -26.46
C VAL C 129 9.76 -3.65 -27.32
N VAL C 130 9.62 -2.38 -27.68
CA VAL C 130 10.69 -1.70 -28.37
C VAL C 130 11.31 -0.74 -27.38
N LEU C 131 12.60 -0.92 -27.10
CA LEU C 131 13.38 -0.01 -26.27
C LEU C 131 13.86 1.12 -27.18
N SER C 132 13.29 2.30 -26.99
CA SER C 132 13.60 3.40 -27.88
C SER C 132 14.49 4.37 -27.08
N LEU C 133 15.72 4.57 -27.55
CA LEU C 133 16.72 5.37 -26.85
C LEU C 133 17.05 6.58 -27.71
N PRO C 134 17.19 7.73 -27.08
CA PRO C 134 17.29 9.00 -27.79
C PRO C 134 18.74 9.38 -28.01
N ASP C 135 19.65 8.43 -27.82
CA ASP C 135 21.05 8.68 -28.07
C ASP C 135 21.69 7.39 -28.56
N ILE C 136 22.19 7.39 -29.79
CA ILE C 136 22.82 6.18 -30.29
C ILE C 136 24.07 5.84 -29.46
N GLY C 137 24.58 6.82 -28.73
CA GLY C 137 25.71 6.55 -27.83
C GLY C 137 25.26 5.83 -26.58
N HIS C 138 23.95 5.56 -26.45
CA HIS C 138 23.46 4.87 -25.27
C HIS C 138 23.36 3.37 -25.38
N TYR C 139 24.21 2.80 -26.22
CA TYR C 139 24.17 1.35 -26.47
C TYR C 139 24.45 0.50 -25.24
N GLU C 140 25.17 1.06 -24.27
CA GLU C 140 25.44 0.31 -23.04
C GLU C 140 24.15 0.00 -22.29
N PHE C 141 23.15 0.86 -22.45
CA PHE C 141 21.81 0.58 -21.94
C PHE C 141 21.37 -0.84 -22.34
N VAL C 142 21.46 -1.13 -23.65
CA VAL C 142 21.07 -2.44 -24.18
C VAL C 142 22.02 -3.55 -23.72
N ARG C 143 23.31 -3.24 -23.66
CA ARG C 143 24.27 -4.22 -23.11
C ARG C 143 23.91 -4.59 -21.69
N GLY C 144 23.62 -3.59 -20.85
CA GLY C 144 23.19 -3.85 -19.48
C GLY C 144 21.84 -4.55 -19.42
N PHE C 145 20.91 -4.13 -20.28
CA PHE C 145 19.59 -4.73 -20.35
C PHE C 145 19.69 -6.24 -20.67
N LYS C 146 20.43 -6.53 -21.73
CA LYS C 146 20.68 -7.92 -22.14
C LYS C 146 21.37 -8.72 -21.04
N GLU C 147 22.35 -8.11 -20.38
CA GLU C 147 23.10 -8.75 -19.31
C GLU C 147 22.18 -9.20 -18.19
N VAL C 148 21.24 -8.35 -17.80
CA VAL C 148 20.30 -8.71 -16.76
C VAL C 148 19.44 -9.91 -17.17
N LEU C 149 18.94 -9.88 -18.40
CA LEU C 149 18.07 -10.93 -18.88
C LEU C 149 18.83 -12.26 -18.94
N LYS C 150 20.07 -12.20 -19.41
CA LYS C 150 20.92 -13.40 -19.49
C LYS C 150 21.23 -13.93 -18.10
N LYS C 151 21.72 -13.04 -17.24
CA LYS C 151 22.14 -13.40 -15.91
C LYS C 151 21.01 -14.07 -15.13
N GLU C 152 19.78 -13.65 -15.42
CA GLU C 152 18.62 -14.11 -14.68
C GLU C 152 18.03 -15.37 -15.30
N GLY C 153 18.65 -15.84 -16.38
CA GLY C 153 18.20 -17.06 -17.04
C GLY C 153 17.02 -16.84 -17.97
N HIS C 154 16.89 -15.61 -18.46
CA HIS C 154 15.76 -15.25 -19.31
C HIS C 154 16.14 -14.61 -20.62
N GLU C 155 17.25 -15.09 -21.19
CA GLU C 155 17.71 -14.62 -22.49
C GLU C 155 16.66 -14.73 -23.60
N ASP C 156 15.77 -15.73 -23.51
CA ASP C 156 14.76 -15.95 -24.54
C ASP C 156 13.70 -14.83 -24.59
N LEU C 157 13.60 -14.08 -23.51
CA LEU C 157 12.71 -12.89 -23.51
C LEU C 157 13.19 -11.85 -24.51
N LEU C 158 14.47 -11.88 -24.88
CA LEU C 158 15.01 -11.00 -25.93
C LEU C 158 14.35 -11.18 -27.30
N GLU C 159 13.70 -12.32 -27.48
CA GLU C 159 12.90 -12.56 -28.67
C GLU C 159 11.79 -11.52 -28.79
N LYS C 160 11.43 -10.95 -27.64
CA LYS C 160 10.27 -10.08 -27.52
C LYS C 160 10.70 -8.61 -27.50
N VAL C 161 12.00 -8.38 -27.64
CA VAL C 161 12.61 -7.08 -27.40
C VAL C 161 13.23 -6.58 -28.66
N GLY C 162 12.91 -5.32 -28.97
CA GLY C 162 13.39 -4.62 -30.14
C GLY C 162 13.99 -3.30 -29.68
N TYR C 163 14.56 -2.60 -30.64
CA TYR C 163 15.47 -1.50 -30.31
C TYR C 163 15.28 -0.42 -31.31
N ASP C 164 15.28 0.82 -30.82
CA ASP C 164 15.22 1.95 -31.68
C ASP C 164 16.17 2.95 -31.06
N PHE C 165 17.35 3.05 -31.64
CA PHE C 165 18.31 4.06 -31.21
C PHE C 165 18.21 5.17 -32.22
N SER C 166 18.14 6.40 -31.74
CA SER C 166 18.23 7.52 -32.65
C SER C 166 18.85 8.64 -31.88
N GLY C 167 19.21 9.70 -32.60
CA GLY C 167 19.81 10.83 -31.95
C GLY C 167 21.19 10.55 -31.43
N PRO C 168 21.72 11.47 -30.63
CA PRO C 168 21.01 12.65 -30.18
C PRO C 168 20.89 13.65 -31.31
N TYR C 169 20.04 14.65 -31.15
CA TYR C 169 19.91 15.68 -32.18
C TYR C 169 21.17 16.52 -32.29
N LEU C 170 21.90 16.66 -31.19
CA LEU C 170 23.03 17.58 -31.14
C LEU C 170 24.36 16.84 -31.06
N PRO C 171 25.39 17.41 -31.67
CA PRO C 171 25.33 18.61 -32.55
C PRO C 171 24.70 18.37 -33.92
N SER C 172 24.58 17.10 -34.33
CA SER C 172 23.89 16.73 -35.56
C SER C 172 23.31 15.35 -35.36
N LEU C 173 22.20 15.05 -36.04
CA LEU C 173 21.63 13.70 -36.00
C LEU C 173 22.60 12.70 -36.60
N PRO C 174 22.65 11.49 -36.01
CA PRO C 174 23.59 10.52 -36.54
C PRO C 174 23.12 10.07 -37.91
N THR C 175 24.07 9.61 -38.70
CA THR C 175 23.74 9.07 -40.01
C THR C 175 23.14 7.68 -39.78
N LEU C 176 22.42 7.16 -40.78
CA LEU C 176 22.02 5.76 -40.70
C LEU C 176 23.21 4.85 -40.41
N ASP C 177 24.33 5.09 -41.08
CA ASP C 177 25.48 4.21 -40.84
C ASP C 177 25.96 4.24 -39.38
N ALA C 178 26.03 5.42 -38.80
CA ALA C 178 26.44 5.58 -37.40
C ALA C 178 25.43 4.88 -36.51
N THR C 179 24.16 4.98 -36.87
CA THR C 179 23.12 4.32 -36.08
C THR C 179 23.31 2.81 -36.14
N HIS C 180 23.59 2.33 -37.34
CA HIS C 180 23.84 0.90 -37.52
C HIS C 180 25.01 0.44 -36.65
N GLU C 181 26.10 1.20 -36.67
CA GLU C 181 27.25 0.90 -35.82
C GLU C 181 26.91 0.87 -34.36
N ALA C 182 26.03 1.78 -33.93
CA ALA C 182 25.60 1.80 -32.55
C ALA C 182 24.88 0.54 -32.19
N TYR C 183 24.03 0.04 -33.09
CA TYR C 183 23.41 -1.26 -32.87
C TYR C 183 24.46 -2.33 -32.75
N LYS C 184 25.46 -2.30 -33.63
CA LYS C 184 26.54 -3.26 -33.56
C LYS C 184 27.20 -3.23 -32.18
N LYS C 185 27.44 -2.04 -31.67
CA LYS C 185 28.04 -1.85 -30.35
C LYS C 185 27.20 -2.42 -29.22
N ALA C 186 25.87 -2.40 -29.41
CA ALA C 186 24.94 -2.93 -28.41
C ALA C 186 24.77 -4.44 -28.56
N GLY C 187 25.30 -4.99 -29.65
CA GLY C 187 25.15 -6.40 -29.91
C GLY C 187 23.78 -6.66 -30.52
N VAL C 188 23.21 -5.65 -31.15
CA VAL C 188 21.89 -5.76 -31.76
C VAL C 188 22.10 -6.05 -33.25
N ASP C 189 21.60 -7.20 -33.70
CA ASP C 189 21.68 -7.55 -35.13
C ASP C 189 20.30 -7.82 -35.72
N GLY C 190 19.27 -7.33 -35.06
CA GLY C 190 17.91 -7.48 -35.57
C GLY C 190 16.99 -6.89 -34.54
N HIS C 191 15.70 -6.91 -34.84
CA HIS C 191 14.66 -6.38 -33.94
C HIS C 191 14.83 -4.86 -33.91
N ILE C 192 15.02 -4.27 -35.09
CA ILE C 192 15.38 -2.85 -35.21
C ILE C 192 14.29 -1.99 -35.82
N TRP C 193 13.91 -0.96 -35.07
CA TRP C 193 12.87 -0.08 -35.50
C TRP C 193 13.48 1.28 -35.69
N LEU C 194 13.01 1.98 -36.68
CA LEU C 194 13.43 3.35 -36.86
C LEU C 194 12.24 4.24 -36.82
N SER C 195 12.36 5.34 -36.07
CA SER C 195 11.26 6.26 -36.01
C SER C 195 11.67 7.56 -36.62
N ASP C 196 10.71 8.21 -37.26
CA ASP C 196 10.95 9.48 -37.95
C ASP C 196 9.84 10.47 -37.67
N GLY C 197 10.17 11.75 -37.83
CA GLY C 197 9.20 12.84 -37.73
C GLY C 197 9.00 13.41 -36.33
N LEU C 198 9.98 13.25 -35.44
CA LEU C 198 9.95 13.96 -34.15
C LEU C 198 10.09 15.44 -34.46
N THR C 199 11.17 15.75 -35.18
CA THR C 199 11.49 17.11 -35.61
C THR C 199 11.21 17.32 -37.08
N ASN C 200 10.92 18.58 -37.42
CA ASN C 200 10.88 19.03 -38.80
C ASN C 200 11.72 20.31 -38.93
N PHE C 201 12.98 20.24 -38.49
CA PHE C 201 13.87 21.42 -38.52
C PHE C 201 14.41 21.70 -39.91
N SER C 202 14.25 20.72 -40.80
CA SER C 202 14.74 20.81 -42.16
C SER C 202 13.76 19.99 -42.98
N PRO C 203 12.58 20.58 -43.29
CA PRO C 203 11.48 19.84 -43.95
C PRO C 203 11.90 19.03 -45.17
N LEU C 204 12.77 19.60 -46.00
CA LEU C 204 13.28 18.95 -47.21
C LEU C 204 14.40 17.94 -46.89
N GLY C 205 15.15 18.20 -45.82
CA GLY C 205 16.11 17.24 -45.28
C GLY C 205 15.41 16.08 -44.59
N ASP C 206 14.30 16.37 -43.91
CA ASP C 206 13.52 15.32 -43.24
C ASP C 206 12.80 14.47 -44.27
N MET C 207 12.35 15.13 -45.34
CA MET C 207 11.85 14.47 -46.54
C MET C 207 12.86 13.41 -46.98
N ALA C 208 14.10 13.85 -47.24
CA ALA C 208 15.15 12.99 -47.76
C ALA C 208 15.49 11.88 -46.77
N ARG C 209 15.57 12.26 -45.49
CA ARG C 209 15.87 11.33 -44.41
C ARG C 209 14.91 10.15 -44.30
N LEU C 210 13.61 10.41 -44.43
CA LEU C 210 12.62 9.34 -44.32
C LEU C 210 12.74 8.45 -45.53
N LYS C 211 12.84 9.07 -46.70
CA LYS C 211 13.06 8.31 -47.91
C LYS C 211 14.33 7.45 -47.84
N GLU C 212 15.38 8.01 -47.25
CA GLU C 212 16.63 7.31 -47.04
C GLU C 212 16.39 6.08 -46.19
N ALA C 213 15.58 6.27 -45.14
CA ALA C 213 15.34 5.22 -44.17
C ALA C 213 14.58 4.09 -44.83
N ILE C 214 13.52 4.46 -45.58
CA ILE C 214 12.67 3.49 -46.24
C ILE C 214 13.53 2.69 -47.21
N LYS C 215 14.30 3.42 -48.02
CA LYS C 215 15.22 2.81 -48.98
C LYS C 215 16.18 1.88 -48.25
N SER C 216 16.79 2.37 -47.17
CA SER C 216 17.67 1.53 -46.36
C SER C 216 16.97 0.27 -45.83
N ARG C 217 15.78 0.43 -45.27
CA ARG C 217 15.02 -0.75 -44.82
C ARG C 217 14.84 -1.74 -45.96
N ASP C 218 14.51 -1.22 -47.13
CA ASP C 218 14.15 -2.08 -48.25
C ASP C 218 15.39 -2.46 -49.07
N SER C 219 16.56 -2.11 -48.55
CA SER C 219 17.83 -2.32 -49.25
C SER C 219 18.34 -3.71 -48.97
N ALA C 220 19.22 -4.19 -49.85
CA ALA C 220 19.78 -5.52 -49.75
C ALA C 220 20.44 -5.75 -48.41
N ASN C 221 21.23 -4.77 -47.99
CA ASN C 221 22.05 -4.94 -46.80
C ASN C 221 21.37 -4.41 -45.54
N GLY C 222 20.05 -4.20 -45.63
CA GLY C 222 19.31 -3.44 -44.61
C GLY C 222 19.32 -4.00 -43.18
N PHE C 223 19.30 -3.09 -42.22
CA PHE C 223 19.31 -3.47 -40.80
C PHE C 223 18.01 -3.06 -40.12
N ILE C 224 17.34 -2.05 -40.67
CA ILE C 224 16.06 -1.60 -40.15
C ILE C 224 14.95 -2.60 -40.44
N ASN C 225 14.21 -3.05 -39.42
CA ASN C 225 13.07 -3.89 -39.69
C ASN C 225 11.77 -3.14 -39.92
N LYS C 226 11.49 -2.17 -39.04
CA LYS C 226 10.27 -1.43 -39.18
C LYS C 226 10.56 0.05 -39.09
N ILE C 227 9.77 0.84 -39.78
CA ILE C 227 9.85 2.28 -39.66
C ILE C 227 8.51 2.77 -39.17
N TYR C 228 8.52 3.58 -38.11
CA TYR C 228 7.28 4.20 -37.68
C TYR C 228 7.46 5.70 -37.71
N TYR C 229 6.38 6.39 -38.01
CA TYR C 229 6.46 7.82 -38.19
C TYR C 229 5.62 8.42 -37.06
N TRP C 230 6.10 9.46 -36.38
CA TRP C 230 5.20 9.98 -35.38
C TRP C 230 4.49 11.29 -35.54
N SER C 231 3.67 11.53 -34.53
CA SER C 231 2.27 11.88 -34.65
C SER C 231 1.66 12.15 -36.04
N VAL C 232 0.96 11.14 -36.50
CA VAL C 232 0.15 11.17 -37.69
C VAL C 232 -1.28 11.09 -37.15
N ASP C 233 -2.05 12.16 -37.24
CA ASP C 233 -3.33 12.23 -36.56
C ASP C 233 -4.51 12.49 -37.45
N LYS C 234 -4.28 12.71 -38.74
CA LYS C 234 -5.40 13.04 -39.60
C LYS C 234 -5.47 12.00 -40.67
N VAL C 235 -6.63 11.93 -41.32
CA VAL C 235 -6.78 10.98 -42.42
C VAL C 235 -5.73 11.24 -43.50
N SER C 236 -5.60 12.50 -43.90
CA SER C 236 -4.64 12.91 -44.93
C SER C 236 -3.21 12.43 -44.60
N THR C 237 -2.74 12.73 -43.40
CA THR C 237 -1.35 12.46 -43.05
C THR C 237 -1.15 10.97 -42.83
N THR C 238 -2.21 10.30 -42.37
CA THR C 238 -2.15 8.82 -42.19
C THR C 238 -2.01 8.13 -43.54
N LYS C 239 -2.83 8.57 -44.49
CA LYS C 239 -2.74 8.06 -45.85
C LYS C 239 -1.35 8.32 -46.39
N ALA C 240 -0.86 9.53 -46.15
CA ALA C 240 0.44 9.93 -46.66
C ALA C 240 1.54 9.03 -46.07
N ALA C 241 1.49 8.79 -44.76
CA ALA C 241 2.51 7.97 -44.11
C ALA C 241 2.47 6.55 -44.64
N LEU C 242 1.26 6.00 -44.79
CA LEU C 242 1.10 4.65 -45.34
C LEU C 242 1.64 4.59 -46.76
N ASP C 243 1.31 5.61 -47.54
CA ASP C 243 1.80 5.69 -48.93
C ASP C 243 3.32 5.86 -49.11
N VAL C 244 3.98 6.54 -48.18
CA VAL C 244 5.45 6.61 -48.23
C VAL C 244 6.09 5.27 -47.88
N GLY C 245 5.33 4.41 -47.22
CA GLY C 245 5.75 3.05 -46.93
C GLY C 245 6.17 2.72 -45.53
N VAL C 246 5.72 3.50 -44.54
CA VAL C 246 6.06 3.17 -43.15
C VAL C 246 5.26 1.96 -42.65
N ASP C 247 5.82 1.29 -41.65
CA ASP C 247 5.22 0.11 -41.06
C ASP C 247 4.41 0.51 -39.85
N GLY C 248 4.65 1.71 -39.36
CA GLY C 248 4.15 2.08 -38.03
C GLY C 248 3.67 3.50 -38.11
N ILE C 249 2.52 3.73 -37.51
CA ILE C 249 1.96 5.06 -37.42
C ILE C 249 1.83 5.28 -35.95
N MET C 250 2.54 6.27 -35.45
CA MET C 250 2.35 6.73 -34.08
C MET C 250 1.34 7.85 -34.14
N THR C 251 0.33 7.74 -33.29
CA THR C 251 -0.79 8.61 -33.47
C THR C 251 -1.44 8.91 -32.14
N ASN C 252 -1.97 10.12 -32.03
CA ASN C 252 -2.80 10.41 -30.88
C ASN C 252 -4.21 9.82 -31.00
N TYR C 253 -4.59 9.41 -32.21
CA TYR C 253 -5.98 9.01 -32.49
C TYR C 253 -5.98 7.74 -33.30
N PRO C 254 -5.75 6.60 -32.66
CA PRO C 254 -5.64 5.31 -33.36
C PRO C 254 -6.83 4.97 -34.20
N ASN C 255 -7.98 5.57 -33.94
CA ASN C 255 -9.18 5.34 -34.72
C ASN C 255 -9.04 5.88 -36.14
N VAL C 256 -8.15 6.85 -36.32
CA VAL C 256 -7.98 7.43 -37.66
C VAL C 256 -7.47 6.37 -38.63
N LEU C 257 -6.38 5.72 -38.24
CA LEU C 257 -5.79 4.67 -39.04
C LEU C 257 -6.79 3.56 -39.30
N ILE C 258 -7.57 3.18 -38.29
CA ILE C 258 -8.55 2.11 -38.48
C ILE C 258 -9.54 2.47 -39.58
N GLY C 259 -9.96 3.74 -39.58
CA GLY C 259 -10.84 4.24 -40.63
C GLY C 259 -10.15 4.21 -41.97
N VAL C 260 -8.90 4.67 -42.00
CA VAL C 260 -8.13 4.72 -43.25
C VAL C 260 -7.90 3.33 -43.84
N LEU C 261 -7.68 2.35 -42.97
CA LEU C 261 -7.40 0.98 -43.42
C LEU C 261 -8.62 0.27 -43.99
N LYS C 262 -9.79 0.88 -43.83
CA LYS C 262 -11.03 0.39 -44.46
C LYS C 262 -11.27 0.97 -45.86
N GLU C 263 -10.48 1.97 -46.23
CA GLU C 263 -10.71 2.71 -47.47
C GLU C 263 -10.06 2.04 -48.64
N SER C 264 -10.67 2.19 -49.82
CA SER C 264 -10.09 1.66 -51.04
C SER C 264 -8.84 2.43 -51.40
N GLY C 265 -7.81 1.69 -51.78
CA GLY C 265 -6.49 2.28 -52.00
C GLY C 265 -5.63 2.06 -50.76
N TYR C 266 -6.29 1.67 -49.67
CA TYR C 266 -5.61 1.39 -48.39
C TYR C 266 -5.87 -0.02 -47.88
N ASN C 267 -7.15 -0.40 -47.85
CA ASN C 267 -7.58 -1.76 -47.53
C ASN C 267 -6.79 -2.85 -48.26
N ASP C 268 -6.32 -2.50 -49.45
CA ASP C 268 -5.68 -3.46 -50.34
C ASP C 268 -4.18 -3.57 -50.19
N LYS C 269 -3.58 -2.61 -49.48
CA LYS C 269 -2.14 -2.46 -49.48
C LYS C 269 -1.59 -2.59 -48.07
N TYR C 270 -2.46 -2.32 -47.10
CA TYR C 270 -2.02 -2.22 -45.71
C TYR C 270 -3.03 -2.87 -44.83
N ARG C 271 -2.57 -3.42 -43.72
CA ARG C 271 -3.48 -3.99 -42.74
C ARG C 271 -2.94 -3.84 -41.32
N LEU C 272 -3.83 -3.89 -40.35
CA LEU C 272 -3.41 -3.79 -38.98
C LEU C 272 -2.62 -5.02 -38.59
N ALA C 273 -1.43 -4.80 -38.04
CA ALA C 273 -0.59 -5.90 -37.61
C ALA C 273 -1.31 -6.70 -36.53
N THR C 274 -1.04 -8.01 -36.52
CA THR C 274 -1.60 -8.89 -35.51
C THR C 274 -0.40 -9.55 -34.84
N TYR C 275 -0.66 -10.33 -33.81
CA TYR C 275 0.41 -10.99 -33.09
C TYR C 275 1.17 -11.97 -34.00
N ASP C 276 0.57 -12.37 -35.10
CA ASP C 276 1.24 -13.30 -35.99
C ASP C 276 2.18 -12.60 -36.96
N ASP C 277 2.12 -11.27 -36.94
CA ASP C 277 3.06 -10.43 -37.67
C ASP C 277 4.26 -10.08 -36.81
N ASN C 278 5.40 -10.66 -37.17
CA ASN C 278 6.62 -10.47 -36.43
C ASN C 278 7.13 -9.05 -36.59
N PRO C 279 7.19 -8.28 -35.49
CA PRO C 279 7.63 -6.88 -35.57
C PRO C 279 9.10 -6.75 -35.92
N TRP C 280 9.84 -7.85 -35.85
CA TRP C 280 11.24 -7.82 -36.18
C TRP C 280 11.52 -8.26 -37.60
N GLU C 281 10.45 -8.52 -38.34
CA GLU C 281 10.63 -8.99 -39.69
C GLU C 281 10.41 -7.88 -40.67
N THR C 282 11.42 -7.57 -41.47
CA THR C 282 11.27 -6.57 -42.52
C THR C 282 10.18 -7.05 -43.49
N PHE C 283 9.17 -6.22 -43.71
CA PHE C 283 8.13 -6.58 -44.67
C PHE C 283 8.68 -6.66 -46.10
N LYS C 284 8.38 -7.77 -46.78
CA LYS C 284 8.80 -8.00 -48.15
C LYS C 284 7.64 -8.14 -49.12
N ASN C 285 7.70 -7.35 -50.19
CA ASN C 285 6.81 -7.42 -51.38
C ASN C 285 5.30 -7.44 -51.11
N ALA D 1 8.56 58.08 -8.28
CA ALA D 1 7.25 57.42 -7.97
C ALA D 1 6.89 56.32 -8.97
N ASP D 2 7.38 55.09 -8.71
CA ASP D 2 7.00 53.91 -9.50
C ASP D 2 5.54 53.62 -9.23
N ASN D 3 4.81 53.40 -10.32
CA ASN D 3 3.37 53.40 -10.32
C ASN D 3 2.87 52.27 -11.23
N ARG D 4 3.40 52.24 -12.44
CA ARG D 4 3.10 51.17 -13.39
C ARG D 4 3.95 49.96 -13.05
N ARG D 5 3.35 48.78 -13.13
CA ARG D 5 4.08 47.55 -12.87
C ARG D 5 5.14 47.32 -13.94
N PRO D 6 6.40 47.08 -13.52
CA PRO D 6 7.42 46.79 -14.51
C PRO D 6 7.22 45.36 -14.96
N ILE D 7 7.31 45.17 -16.26
CA ILE D 7 6.97 43.88 -16.83
C ILE D 7 8.21 43.33 -17.48
N TRP D 8 8.50 42.07 -17.16
CA TRP D 8 9.56 41.33 -17.85
C TRP D 8 8.93 40.63 -19.05
N ASN D 9 9.43 40.98 -20.22
CA ASN D 9 8.97 40.49 -21.50
C ASN D 9 10.01 39.44 -21.83
N LEU D 10 9.72 38.22 -21.43
CA LEU D 10 10.70 37.15 -21.45
C LEU D 10 10.53 36.39 -22.75
N ALA D 11 11.52 36.48 -23.62
CA ALA D 11 11.53 35.70 -24.84
C ALA D 11 11.66 34.23 -24.47
N HIS D 12 10.74 33.44 -24.98
CA HIS D 12 10.63 32.05 -24.60
C HIS D 12 11.57 31.23 -25.47
N MET D 13 12.29 30.33 -24.81
CA MET D 13 13.02 29.25 -25.45
C MET D 13 13.97 29.84 -26.49
N VAL D 14 14.89 30.66 -26.02
CA VAL D 14 15.91 31.22 -26.88
C VAL D 14 17.21 30.48 -26.61
N ASN D 15 17.46 29.45 -27.40
CA ASN D 15 18.55 28.55 -27.11
C ASN D 15 19.70 28.64 -28.07
N ALA D 16 19.52 29.43 -29.12
CA ALA D 16 20.60 29.65 -30.09
C ALA D 16 21.03 31.11 -29.99
N VAL D 17 22.33 31.33 -30.05
CA VAL D 17 22.80 32.66 -29.74
C VAL D 17 22.36 33.61 -30.83
N ALA D 18 22.21 33.10 -32.05
CA ALA D 18 21.74 33.93 -33.16
C ALA D 18 20.36 34.48 -32.87
N GLN D 19 19.60 33.79 -32.04
CA GLN D 19 18.25 34.21 -31.74
C GLN D 19 18.18 35.32 -30.74
N ILE D 20 19.27 35.51 -29.98
CA ILE D 20 19.24 36.49 -28.92
C ILE D 20 18.91 37.90 -29.40
N PRO D 21 19.70 38.42 -30.37
CA PRO D 21 19.40 39.78 -30.83
C PRO D 21 18.03 39.83 -31.50
N ASP D 22 17.63 38.74 -32.13
CA ASP D 22 16.36 38.74 -32.82
C ASP D 22 15.23 38.95 -31.82
N PHE D 23 15.30 38.25 -30.70
CA PHE D 23 14.26 38.38 -29.71
C PHE D 23 14.34 39.69 -28.97
N LEU D 24 15.56 40.14 -28.74
CA LEU D 24 15.72 41.44 -28.16
C LEU D 24 15.12 42.52 -29.09
N ASP D 25 15.34 42.37 -30.39
CA ASP D 25 14.85 43.32 -31.38
C ASP D 25 13.33 43.36 -31.40
N LEU D 26 12.72 42.20 -31.16
CA LEU D 26 11.28 42.13 -31.06
C LEU D 26 10.73 42.84 -29.83
N GLY D 27 11.59 43.04 -28.82
CA GLY D 27 11.25 43.89 -27.70
C GLY D 27 11.44 43.24 -26.35
N ALA D 28 11.97 42.01 -26.33
CA ALA D 28 12.11 41.36 -25.04
C ALA D 28 13.18 42.13 -24.25
N ASN D 29 12.98 42.20 -22.95
CA ASN D 29 14.02 42.69 -22.04
C ASN D 29 14.65 41.52 -21.29
N ALA D 30 14.22 40.32 -21.65
CA ALA D 30 14.69 39.15 -20.96
C ALA D 30 14.54 37.96 -21.88
N LEU D 31 15.26 36.90 -21.57
CA LEU D 31 15.04 35.68 -22.31
C LEU D 31 15.17 34.47 -21.42
N GLU D 32 14.62 33.36 -21.90
CA GLU D 32 14.66 32.11 -21.18
C GLU D 32 15.33 31.08 -22.09
N ALA D 33 16.26 30.35 -21.51
CA ALA D 33 17.04 29.35 -22.24
C ALA D 33 16.94 28.06 -21.44
N ASP D 34 16.84 26.96 -22.16
CA ASP D 34 16.69 25.62 -21.55
C ASP D 34 18.04 24.98 -21.43
N VAL D 35 18.45 24.71 -20.20
CA VAL D 35 19.79 24.23 -19.97
C VAL D 35 19.72 22.72 -19.78
N THR D 36 20.29 21.99 -20.72
CA THR D 36 20.23 20.54 -20.66
C THR D 36 21.42 20.03 -19.87
N PHE D 37 21.26 18.85 -19.32
CA PHE D 37 22.27 18.31 -18.44
C PHE D 37 22.64 16.97 -18.93
N LYS D 38 23.93 16.66 -18.84
CA LYS D 38 24.35 15.30 -19.00
C LYS D 38 24.89 14.95 -17.64
N GLY D 39 24.14 14.17 -16.87
CA GLY D 39 24.47 14.01 -15.46
C GLY D 39 24.44 15.39 -14.84
N SER D 40 25.45 15.73 -14.06
CA SER D 40 25.45 17.00 -13.36
C SER D 40 26.01 18.12 -14.22
N VAL D 41 26.36 17.82 -15.47
CA VAL D 41 27.07 18.75 -16.33
C VAL D 41 26.09 19.51 -17.22
N PRO D 42 25.93 20.83 -17.01
CA PRO D 42 25.04 21.57 -17.89
C PRO D 42 25.72 21.65 -19.24
N THR D 43 25.05 21.17 -20.27
CA THR D 43 25.80 21.03 -21.50
C THR D 43 25.32 21.86 -22.65
N TYR D 44 24.00 21.91 -22.87
CA TYR D 44 23.51 22.71 -23.99
C TYR D 44 22.45 23.67 -23.53
N THR D 45 22.21 24.69 -24.35
CA THR D 45 20.90 25.34 -24.32
C THR D 45 20.16 24.69 -25.49
N TYR D 46 19.04 24.09 -25.18
CA TYR D 46 18.31 23.26 -26.13
C TYR D 46 17.05 22.81 -25.46
N HIS D 47 15.99 22.89 -26.24
CA HIS D 47 14.69 22.51 -25.75
C HIS D 47 14.30 21.15 -26.33
N GLY D 48 14.31 21.04 -27.63
CA GLY D 48 13.95 19.80 -28.27
C GLY D 48 12.46 19.74 -28.51
N THR D 49 12.07 18.75 -29.30
CA THR D 49 10.67 18.61 -29.67
C THR D 49 9.95 17.79 -28.61
N PRO D 50 8.66 18.04 -28.43
CA PRO D 50 7.82 19.01 -29.06
C PRO D 50 8.01 20.35 -28.42
N CYS D 51 7.63 21.41 -29.11
CA CYS D 51 7.68 22.68 -28.46
C CYS D 51 6.54 23.45 -29.04
N ASP D 52 6.47 24.72 -28.67
CA ASP D 52 5.35 25.53 -29.07
C ASP D 52 5.09 25.54 -30.57
N PHE D 53 3.82 25.50 -30.93
CA PHE D 53 3.48 25.74 -32.33
C PHE D 53 4.11 27.07 -32.83
N GLY D 54 4.66 27.03 -34.05
CA GLY D 54 5.19 28.24 -34.69
C GLY D 54 6.63 28.46 -34.22
N ARG D 55 7.18 27.49 -33.51
CA ARG D 55 8.59 27.58 -33.11
C ARG D 55 9.38 26.36 -33.54
N ASP D 56 10.61 26.60 -34.00
CA ASP D 56 11.55 25.48 -34.20
C ASP D 56 12.05 25.11 -32.81
N CYS D 57 12.10 23.81 -32.54
CA CYS D 57 12.33 23.31 -31.19
C CYS D 57 13.79 22.93 -30.93
N ILE D 58 14.62 22.90 -31.98
CA ILE D 58 15.93 22.29 -31.81
C ILE D 58 17.09 23.23 -32.03
N ARG D 59 16.84 24.53 -31.96
CA ARG D 59 17.96 25.46 -31.97
C ARG D 59 18.72 25.27 -30.68
N TRP D 60 20.00 25.56 -30.71
CA TRP D 60 20.80 25.16 -29.56
C TRP D 60 22.13 25.86 -29.54
N GLU D 61 22.80 25.72 -28.42
CA GLU D 61 24.17 26.16 -28.32
C GLU D 61 24.78 25.33 -27.24
N TYR D 62 26.11 25.30 -27.21
CA TYR D 62 26.78 24.82 -26.02
C TYR D 62 26.51 25.80 -24.89
N PHE D 63 26.29 25.27 -23.71
CA PHE D 63 25.93 26.10 -22.58
C PHE D 63 26.97 27.20 -22.30
N ASN D 64 28.25 26.80 -22.27
CA ASN D 64 29.30 27.79 -22.02
C ASN D 64 29.30 28.94 -23.04
N VAL D 65 29.14 28.57 -24.31
CA VAL D 65 29.14 29.50 -25.41
C VAL D 65 27.92 30.40 -25.31
N PHE D 66 26.81 29.81 -24.91
CA PHE D 66 25.62 30.62 -24.76
C PHE D 66 25.86 31.69 -23.70
N LEU D 67 26.44 31.28 -22.57
CA LEU D 67 26.71 32.23 -21.47
C LEU D 67 27.64 33.33 -21.93
N LYS D 68 28.67 32.95 -22.68
CA LYS D 68 29.64 33.91 -23.19
C LYS D 68 28.94 34.96 -24.05
N THR D 69 27.97 34.50 -24.82
CA THR D 69 27.18 35.41 -25.63
C THR D 69 26.24 36.28 -24.81
N LEU D 70 25.58 35.71 -23.81
CA LEU D 70 24.76 36.55 -22.94
C LEU D 70 25.63 37.64 -22.30
N ARG D 71 26.86 37.26 -21.97
CA ARG D 71 27.81 38.20 -21.37
C ARG D 71 28.02 39.38 -22.32
N GLU D 72 28.26 39.11 -23.58
CA GLU D 72 28.52 40.14 -24.58
C GLU D 72 27.35 41.10 -24.72
N TYR D 73 26.14 40.55 -24.70
CA TYR D 73 24.94 41.39 -24.84
C TYR D 73 24.58 42.20 -23.60
N THR D 74 25.28 41.95 -22.49
CA THR D 74 24.87 42.54 -21.22
C THR D 74 26.09 43.12 -20.52
N THR D 75 27.17 43.26 -21.26
CA THR D 75 28.38 43.91 -20.74
C THR D 75 28.51 45.31 -21.36
N PRO D 76 28.24 46.35 -20.56
CA PRO D 76 28.38 47.75 -21.02
C PRO D 76 29.68 47.95 -21.74
N GLY D 77 29.65 48.62 -22.88
CA GLY D 77 30.85 48.81 -23.69
C GLY D 77 31.14 47.71 -24.70
N ASN D 78 30.54 46.54 -24.53
CA ASN D 78 30.67 45.52 -25.54
C ASN D 78 29.97 45.99 -26.79
N ALA D 79 30.49 45.63 -27.96
CA ALA D 79 29.87 46.00 -29.22
C ALA D 79 28.42 45.51 -29.28
N LYS D 80 28.16 44.38 -28.62
CA LYS D 80 26.84 43.75 -28.60
C LYS D 80 25.94 44.20 -27.46
N TYR D 81 26.45 45.06 -26.60
CA TYR D 81 25.72 45.43 -25.41
C TYR D 81 24.29 45.96 -25.70
N ARG D 82 23.32 45.43 -24.98
CA ARG D 82 21.93 45.92 -25.06
C ARG D 82 21.52 46.30 -23.66
N ASP D 83 21.30 47.59 -23.42
CA ASP D 83 21.11 48.00 -22.05
C ASP D 83 19.69 47.58 -21.62
N GLY D 84 18.86 47.26 -22.63
CA GLY D 84 17.49 46.82 -22.40
C GLY D 84 17.34 45.32 -22.11
N PHE D 85 18.45 44.58 -22.10
CA PHE D 85 18.43 43.15 -21.85
C PHE D 85 18.88 42.95 -20.41
N ILE D 86 17.92 42.67 -19.53
CA ILE D 86 18.13 42.86 -18.09
C ILE D 86 18.04 41.59 -17.25
N LEU D 87 17.58 40.50 -17.88
CA LEU D 87 17.38 39.30 -17.10
C LEU D 87 17.36 38.10 -18.02
N PHE D 88 17.92 37.00 -17.56
CA PHE D 88 17.61 35.73 -18.26
C PHE D 88 17.28 34.63 -17.29
N VAL D 89 16.37 33.77 -17.72
CA VAL D 89 15.96 32.63 -16.95
C VAL D 89 16.69 31.43 -17.50
N LEU D 90 17.38 30.72 -16.63
CA LEU D 90 17.97 29.43 -17.03
C LEU D 90 16.96 28.39 -16.55
N ASP D 91 16.27 27.81 -17.53
CA ASP D 91 15.32 26.75 -17.29
C ASP D 91 16.13 25.46 -17.18
N LEU D 92 16.44 25.06 -15.95
CA LEU D 92 17.51 24.10 -15.76
C LEU D 92 16.89 22.72 -15.77
N LYS D 93 17.31 21.88 -16.70
CA LYS D 93 16.59 20.64 -16.94
C LYS D 93 17.19 19.56 -16.09
N THR D 94 16.95 19.69 -14.79
CA THR D 94 17.62 18.82 -13.83
C THR D 94 16.71 17.67 -13.48
N GLY D 95 15.58 17.58 -14.17
CA GLY D 95 14.49 16.70 -13.75
C GLY D 95 14.89 15.25 -13.64
N SER D 96 15.86 14.83 -14.44
CA SER D 96 16.33 13.43 -14.46
C SER D 96 17.57 13.17 -13.63
N LEU D 97 18.01 14.16 -12.85
CA LEU D 97 19.22 13.99 -12.08
C LEU D 97 18.98 13.06 -10.92
N SER D 98 19.99 12.26 -10.58
CA SER D 98 19.91 11.47 -9.35
C SER D 98 20.06 12.46 -8.21
N ASN D 99 19.62 12.08 -7.01
CA ASN D 99 19.77 12.98 -5.88
C ASN D 99 21.20 13.50 -5.72
N ASP D 100 22.18 12.63 -5.95
CA ASP D 100 23.59 12.96 -5.78
C ASP D 100 24.17 13.84 -6.88
N GLN D 101 23.42 14.02 -7.96
CA GLN D 101 23.88 14.87 -9.05
C GLN D 101 23.40 16.29 -8.92
N VAL D 102 22.43 16.52 -8.03
CA VAL D 102 21.76 17.82 -7.91
C VAL D 102 22.72 18.88 -7.37
N ARG D 103 23.33 18.63 -6.23
CA ARG D 103 24.31 19.60 -5.74
C ARG D 103 25.41 19.94 -6.74
N PRO D 104 26.12 18.93 -7.30
CA PRO D 104 27.15 19.17 -8.30
C PRO D 104 26.62 19.89 -9.54
N ALA D 105 25.37 19.65 -9.92
CA ALA D 105 24.81 20.37 -11.07
C ALA D 105 24.81 21.87 -10.75
N GLY D 106 24.39 22.20 -9.52
CA GLY D 106 24.33 23.59 -9.05
C GLY D 106 25.71 24.20 -9.05
N GLU D 107 26.67 23.40 -8.59
CA GLU D 107 28.04 23.83 -8.56
C GLU D 107 28.53 24.10 -9.95
N ASN D 108 28.24 23.19 -10.88
CA ASN D 108 28.67 23.33 -12.25
C ASN D 108 28.03 24.51 -12.95
N VAL D 109 26.76 24.77 -12.66
CA VAL D 109 26.12 25.94 -13.24
C VAL D 109 26.78 27.21 -12.69
N ALA D 110 27.07 27.24 -11.39
CA ALA D 110 27.81 28.37 -10.80
C ALA D 110 29.15 28.59 -11.48
N LYS D 111 29.94 27.53 -11.62
CA LYS D 111 31.26 27.66 -12.22
C LYS D 111 31.12 28.18 -13.64
N GLU D 112 30.15 27.66 -14.37
CA GLU D 112 29.90 28.11 -15.73
C GLU D 112 29.55 29.59 -15.80
N LEU D 113 28.65 30.02 -14.92
CA LEU D 113 28.26 31.43 -14.88
C LEU D 113 29.44 32.31 -14.48
N LEU D 114 30.16 31.86 -13.46
CA LEU D 114 31.37 32.57 -13.05
C LEU D 114 32.39 32.73 -14.17
N GLN D 115 32.73 31.62 -14.83
CA GLN D 115 33.73 31.62 -15.87
C GLN D 115 33.24 32.38 -17.08
N ASN D 116 32.02 32.09 -17.52
CA ASN D 116 31.60 32.53 -18.84
C ASN D 116 30.65 33.72 -18.87
N TYR D 117 29.93 33.94 -17.80
CA TYR D 117 29.00 35.03 -17.82
C TYR D 117 29.51 36.21 -17.00
N TRP D 118 29.98 35.93 -15.80
CA TRP D 118 30.39 36.99 -14.90
C TRP D 118 31.87 37.29 -14.99
N ASN D 119 32.58 36.49 -15.81
CA ASN D 119 34.01 36.63 -16.01
C ASN D 119 34.68 36.85 -14.64
N ASN D 120 34.29 36.02 -13.68
CA ASN D 120 34.82 36.05 -12.30
C ASN D 120 34.69 37.40 -11.63
N GLY D 121 33.59 38.11 -11.89
CA GLY D 121 33.34 39.45 -11.35
C GLY D 121 34.09 40.58 -12.04
N ASN D 122 34.80 40.26 -13.13
CA ASN D 122 35.60 41.24 -13.90
C ASN D 122 34.98 41.65 -15.23
N ASN D 123 34.28 42.79 -15.25
CA ASN D 123 33.56 43.25 -16.44
C ASN D 123 32.67 42.15 -16.99
N GLY D 124 31.87 41.57 -16.10
CA GLY D 124 30.98 40.47 -16.49
C GLY D 124 29.67 41.02 -16.99
N GLY D 125 28.79 40.12 -17.42
CA GLY D 125 27.45 40.54 -17.82
C GLY D 125 26.68 41.07 -16.65
N ARG D 126 25.79 42.01 -16.91
CA ARG D 126 25.10 42.70 -15.84
C ARG D 126 23.67 42.25 -15.60
N ALA D 127 23.14 41.40 -16.51
CA ALA D 127 21.76 40.97 -16.39
C ALA D 127 21.60 40.07 -15.19
N TYR D 128 20.38 40.07 -14.67
CA TYR D 128 20.01 39.20 -13.59
C TYR D 128 19.75 37.80 -14.14
N VAL D 129 19.92 36.82 -13.27
CA VAL D 129 19.81 35.42 -13.67
C VAL D 129 18.83 34.74 -12.77
N VAL D 130 17.80 34.12 -13.36
CA VAL D 130 16.87 33.34 -12.57
C VAL D 130 17.20 31.87 -12.79
N LEU D 131 17.48 31.16 -11.70
CA LEU D 131 17.74 29.73 -11.73
C LEU D 131 16.41 29.04 -11.54
N SER D 132 15.93 28.41 -12.61
CA SER D 132 14.59 27.89 -12.61
C SER D 132 14.70 26.37 -12.57
N LEU D 133 14.28 25.80 -11.45
CA LEU D 133 14.46 24.38 -11.22
C LEU D 133 13.10 23.71 -11.17
N PRO D 134 13.01 22.51 -11.77
CA PRO D 134 11.74 21.84 -11.98
C PRO D 134 11.37 20.90 -10.86
N ASP D 135 12.11 20.97 -9.75
CA ASP D 135 11.81 20.12 -8.62
C ASP D 135 12.13 20.93 -7.39
N ILE D 136 11.14 21.18 -6.54
CA ILE D 136 11.43 21.96 -5.34
C ILE D 136 12.36 21.16 -4.44
N GLY D 137 12.47 19.87 -4.72
CA GLY D 137 13.33 19.00 -3.97
C GLY D 137 14.76 19.14 -4.41
N HIS D 138 15.02 20.02 -5.38
CA HIS D 138 16.37 20.25 -5.89
C HIS D 138 17.11 21.43 -5.25
N TYR D 139 16.73 21.76 -4.03
CA TYR D 139 17.33 22.91 -3.36
C TYR D 139 18.85 22.78 -3.22
N GLU D 140 19.38 21.56 -3.18
CA GLU D 140 20.84 21.41 -3.07
C GLU D 140 21.60 22.00 -4.26
N PHE D 141 20.93 22.07 -5.41
CA PHE D 141 21.44 22.80 -6.55
C PHE D 141 21.87 24.21 -6.14
N VAL D 142 20.96 24.92 -5.49
CA VAL D 142 21.20 26.29 -5.09
C VAL D 142 22.25 26.35 -3.98
N ARG D 143 22.21 25.38 -3.07
CA ARG D 143 23.23 25.28 -2.02
C ARG D 143 24.61 25.11 -2.64
N GLY D 144 24.75 24.22 -3.62
CA GLY D 144 26.02 24.07 -4.31
C GLY D 144 26.43 25.27 -5.12
N PHE D 145 25.45 25.86 -5.81
CA PHE D 145 25.66 27.06 -6.59
C PHE D 145 26.25 28.16 -5.71
N LYS D 146 25.57 28.41 -4.60
CA LYS D 146 25.94 29.46 -3.64
C LYS D 146 27.29 29.17 -3.01
N GLU D 147 27.55 27.91 -2.76
CA GLU D 147 28.83 27.50 -2.19
C GLU D 147 29.98 27.81 -3.12
N VAL D 148 29.80 27.62 -4.42
CA VAL D 148 30.84 27.94 -5.38
C VAL D 148 31.12 29.44 -5.45
N LEU D 149 30.06 30.25 -5.47
CA LEU D 149 30.23 31.69 -5.53
C LEU D 149 30.91 32.20 -4.26
N LYS D 150 30.46 31.71 -3.11
CA LYS D 150 31.05 32.10 -1.83
C LYS D 150 32.52 31.67 -1.78
N LYS D 151 32.76 30.39 -2.08
CA LYS D 151 34.11 29.84 -2.07
C LYS D 151 35.07 30.56 -3.02
N GLU D 152 34.55 31.06 -4.14
CA GLU D 152 35.39 31.75 -5.10
C GLU D 152 35.52 33.24 -4.80
N GLY D 153 34.88 33.69 -3.72
CA GLY D 153 34.94 35.08 -3.26
C GLY D 153 33.98 35.99 -3.98
N HIS D 154 32.95 35.41 -4.59
CA HIS D 154 32.02 36.19 -5.41
C HIS D 154 30.58 36.12 -4.89
N GLU D 155 30.43 36.10 -3.56
CA GLU D 155 29.10 36.04 -2.94
C GLU D 155 28.19 37.18 -3.40
N ASP D 156 28.77 38.35 -3.66
CA ASP D 156 27.99 39.50 -4.07
C ASP D 156 27.23 39.28 -5.37
N LEU D 157 27.77 38.42 -6.24
CA LEU D 157 27.11 38.04 -7.51
C LEU D 157 25.74 37.40 -7.28
N LEU D 158 25.52 36.89 -6.08
CA LEU D 158 24.19 36.44 -5.67
C LEU D 158 23.16 37.55 -5.68
N GLU D 159 23.61 38.81 -5.69
CA GLU D 159 22.68 39.91 -5.81
C GLU D 159 21.99 39.85 -7.16
N LYS D 160 22.64 39.18 -8.10
CA LYS D 160 22.19 39.16 -9.50
C LYS D 160 21.49 37.85 -9.80
N VAL D 161 21.31 37.04 -8.77
CA VAL D 161 20.79 35.67 -8.93
C VAL D 161 19.47 35.52 -8.22
N GLY D 162 18.52 34.93 -8.94
CA GLY D 162 17.20 34.68 -8.42
C GLY D 162 16.83 33.23 -8.64
N TYR D 163 15.65 32.88 -8.17
CA TYR D 163 15.27 31.48 -7.98
C TYR D 163 13.86 31.24 -8.33
N ASP D 164 13.64 30.13 -9.03
CA ASP D 164 12.30 29.72 -9.31
C ASP D 164 12.27 28.23 -9.18
N PHE D 165 11.76 27.78 -8.04
CA PHE D 165 11.58 26.35 -7.75
C PHE D 165 10.14 26.00 -8.00
N SER D 166 9.91 25.03 -8.87
CA SER D 166 8.57 24.53 -9.01
C SER D 166 8.61 23.04 -9.20
N GLY D 167 7.45 22.41 -9.12
CA GLY D 167 7.36 20.98 -9.34
C GLY D 167 8.04 20.18 -8.26
N PRO D 168 8.23 18.88 -8.51
CA PRO D 168 7.86 18.23 -9.77
C PRO D 168 6.35 18.14 -9.94
N TYR D 169 5.93 17.82 -11.15
CA TYR D 169 4.51 17.59 -11.39
C TYR D 169 4.01 16.37 -10.64
N LEU D 170 4.90 15.40 -10.44
CA LEU D 170 4.50 14.09 -9.90
C LEU D 170 5.05 13.81 -8.53
N PRO D 171 4.22 13.18 -7.68
CA PRO D 171 2.84 12.75 -7.98
C PRO D 171 1.76 13.84 -8.00
N SER D 172 2.04 14.97 -7.37
CA SER D 172 1.22 16.19 -7.57
C SER D 172 2.12 17.38 -7.34
N LEU D 173 1.70 18.55 -7.83
CA LEU D 173 2.47 19.78 -7.66
C LEU D 173 2.66 20.14 -6.19
N PRO D 174 3.81 20.71 -5.84
CA PRO D 174 3.95 21.18 -4.45
C PRO D 174 3.00 22.34 -4.19
N THR D 175 2.54 22.44 -2.94
CA THR D 175 1.80 23.61 -2.50
C THR D 175 2.76 24.81 -2.45
N LEU D 176 2.18 26.01 -2.47
CA LEU D 176 2.95 27.23 -2.21
C LEU D 176 3.78 27.12 -0.93
N ASP D 177 3.18 26.61 0.14
CA ASP D 177 3.93 26.45 1.38
C ASP D 177 5.15 25.55 1.27
N ALA D 178 4.99 24.40 0.62
CA ALA D 178 6.08 23.45 0.41
C ALA D 178 7.16 24.07 -0.45
N THR D 179 6.74 24.87 -1.43
CA THR D 179 7.68 25.62 -2.27
C THR D 179 8.46 26.62 -1.43
N HIS D 180 7.74 27.37 -0.60
CA HIS D 180 8.37 28.29 0.34
C HIS D 180 9.40 27.54 1.18
N GLU D 181 9.02 26.38 1.70
CA GLU D 181 9.93 25.60 2.55
C GLU D 181 11.18 25.11 1.82
N ALA D 182 11.02 24.78 0.55
CA ALA D 182 12.12 24.43 -0.34
C ALA D 182 13.14 25.56 -0.43
N TYR D 183 12.65 26.78 -0.60
CA TYR D 183 13.54 27.94 -0.66
C TYR D 183 14.31 28.08 0.64
N LYS D 184 13.63 27.85 1.76
CA LYS D 184 14.28 27.95 3.08
C LYS D 184 15.40 26.94 3.18
N LYS D 185 15.15 25.73 2.67
CA LYS D 185 16.17 24.68 2.61
C LYS D 185 17.35 25.06 1.73
N ALA D 186 17.10 25.85 0.69
CA ALA D 186 18.17 26.35 -0.19
C ALA D 186 18.88 27.57 0.39
N GLY D 187 18.33 28.15 1.45
CA GLY D 187 18.90 29.36 2.02
C GLY D 187 18.49 30.57 1.23
N VAL D 188 17.31 30.50 0.61
CA VAL D 188 16.81 31.54 -0.28
C VAL D 188 15.71 32.26 0.47
N ASP D 189 15.93 33.55 0.71
CA ASP D 189 15.00 34.37 1.50
C ASP D 189 14.53 35.57 0.70
N GLY D 190 14.72 35.52 -0.60
CA GLY D 190 14.30 36.59 -1.49
C GLY D 190 14.83 36.25 -2.86
N HIS D 191 14.54 37.10 -3.84
CA HIS D 191 14.99 36.88 -5.22
C HIS D 191 14.23 35.70 -5.82
N ILE D 192 12.94 35.60 -5.50
CA ILE D 192 12.14 34.44 -5.83
C ILE D 192 11.12 34.77 -6.92
N TRP D 193 11.14 33.95 -7.97
CA TRP D 193 10.20 34.10 -9.05
C TRP D 193 9.29 32.88 -9.08
N LEU D 194 8.06 33.10 -9.50
CA LEU D 194 7.14 31.98 -9.66
C LEU D 194 6.62 32.01 -11.07
N SER D 195 6.66 30.87 -11.72
CA SER D 195 6.13 30.80 -13.05
C SER D 195 4.96 29.86 -13.09
N ASP D 196 4.07 30.12 -14.05
CA ASP D 196 2.86 29.39 -14.22
C ASP D 196 2.57 29.21 -15.69
N GLY D 197 1.87 28.13 -16.03
CA GLY D 197 1.29 27.99 -17.35
C GLY D 197 1.86 26.92 -18.25
N LEU D 198 2.89 26.20 -17.78
CA LEU D 198 3.39 25.01 -18.48
C LEU D 198 2.20 24.11 -18.73
N THR D 199 1.54 23.74 -17.63
CA THR D 199 0.35 22.92 -17.67
C THR D 199 -0.95 23.72 -17.65
N ASN D 200 -1.98 23.07 -18.18
CA ASN D 200 -3.36 23.43 -17.94
C ASN D 200 -4.15 22.14 -17.67
N PHE D 201 -4.04 21.62 -16.46
CA PHE D 201 -4.60 20.32 -16.07
C PHE D 201 -6.07 20.40 -15.65
N SER D 202 -6.53 21.60 -15.32
CA SER D 202 -7.91 21.86 -14.91
C SER D 202 -8.14 23.38 -14.79
N PRO D 203 -8.74 24.01 -15.83
CA PRO D 203 -9.01 25.47 -15.81
C PRO D 203 -9.37 26.01 -14.42
N LEU D 204 -10.23 25.28 -13.70
CA LEU D 204 -10.56 25.53 -12.29
C LEU D 204 -9.31 25.70 -11.42
N GLY D 205 -8.53 24.63 -11.31
CA GLY D 205 -7.29 24.64 -10.53
C GLY D 205 -6.17 25.45 -11.15
N ASP D 206 -6.31 25.73 -12.45
CA ASP D 206 -5.35 26.55 -13.19
C ASP D 206 -5.41 28.00 -12.71
N MET D 207 -6.59 28.62 -12.86
CA MET D 207 -6.81 29.99 -12.38
C MET D 207 -6.61 30.06 -10.87
N ALA D 208 -7.11 29.06 -10.14
CA ALA D 208 -6.91 28.95 -8.70
C ALA D 208 -5.44 29.02 -8.29
N ARG D 209 -4.61 28.23 -8.96
CA ARG D 209 -3.16 28.21 -8.71
C ARG D 209 -2.54 29.60 -8.91
N LEU D 210 -2.83 30.21 -10.06
CA LEU D 210 -2.26 31.52 -10.42
C LEU D 210 -2.77 32.62 -9.51
N LYS D 211 -4.08 32.65 -9.28
CA LYS D 211 -4.69 33.65 -8.40
C LYS D 211 -4.16 33.48 -6.98
N GLU D 212 -4.02 32.23 -6.56
CA GLU D 212 -3.43 31.89 -5.27
C GLU D 212 -1.99 32.39 -5.17
N ALA D 213 -1.20 32.17 -6.23
CA ALA D 213 0.16 32.70 -6.31
C ALA D 213 0.14 34.23 -6.25
N ILE D 214 -0.74 34.86 -7.03
CA ILE D 214 -0.86 36.30 -7.06
C ILE D 214 -1.22 36.85 -5.68
N LYS D 215 -2.27 36.30 -5.07
CA LYS D 215 -2.61 36.63 -3.68
C LYS D 215 -1.39 36.49 -2.76
N SER D 216 -0.69 35.36 -2.89
CA SER D 216 0.49 35.07 -2.08
C SER D 216 1.60 36.11 -2.27
N ARG D 217 1.90 36.45 -3.52
CA ARG D 217 2.91 37.47 -3.84
C ARG D 217 2.56 38.82 -3.21
N ASP D 218 1.28 39.19 -3.33
CA ASP D 218 0.78 40.49 -2.95
C ASP D 218 0.35 40.57 -1.49
N SER D 219 0.44 39.43 -0.79
CA SER D 219 0.14 39.38 0.64
C SER D 219 1.29 39.97 1.43
N ALA D 220 1.01 40.39 2.66
CA ALA D 220 2.03 41.02 3.51
C ALA D 220 3.19 40.08 3.77
N ASN D 221 2.89 38.82 4.10
CA ASN D 221 3.93 37.84 4.43
C ASN D 221 4.52 37.08 3.23
N GLY D 222 4.36 37.65 2.04
CA GLY D 222 4.70 36.95 0.79
C GLY D 222 6.17 36.65 0.62
N PHE D 223 6.48 35.59 -0.13
CA PHE D 223 7.86 35.24 -0.44
C PHE D 223 8.18 35.37 -1.93
N ILE D 224 7.12 35.35 -2.75
CA ILE D 224 7.27 35.49 -4.20
C ILE D 224 7.49 36.96 -4.53
N ASN D 225 8.52 37.25 -5.31
CA ASN D 225 8.73 38.60 -5.79
C ASN D 225 8.04 38.88 -7.11
N LYS D 226 8.22 37.97 -8.07
CA LYS D 226 7.65 38.17 -9.40
C LYS D 226 6.92 36.92 -9.83
N ILE D 227 5.88 37.12 -10.60
CA ILE D 227 5.18 36.01 -11.23
C ILE D 227 5.31 36.17 -12.72
N TYR D 228 5.73 35.10 -13.41
CA TYR D 228 5.67 35.10 -14.86
C TYR D 228 4.76 33.96 -15.33
N TYR D 229 4.07 34.24 -16.43
CA TYR D 229 3.22 33.27 -17.06
C TYR D 229 3.84 32.92 -18.42
N TRP D 230 3.84 31.64 -18.82
CA TRP D 230 4.43 31.40 -20.14
C TRP D 230 3.66 30.97 -21.31
N SER D 231 4.21 31.46 -22.41
CA SER D 231 3.73 31.38 -23.75
C SER D 231 2.37 32.03 -23.77
N VAL D 232 2.48 33.34 -23.64
CA VAL D 232 1.43 34.27 -23.87
C VAL D 232 1.84 34.92 -25.19
N ASP D 233 1.11 34.67 -26.26
CA ASP D 233 1.58 35.01 -27.61
C ASP D 233 0.65 35.90 -28.42
N LYS D 234 -0.56 36.09 -27.92
CA LYS D 234 -1.57 36.87 -28.63
C LYS D 234 -1.88 38.10 -27.84
N VAL D 235 -2.34 39.14 -28.54
CA VAL D 235 -2.77 40.35 -27.85
C VAL D 235 -3.74 40.01 -26.71
N SER D 236 -4.78 39.26 -27.05
CA SER D 236 -5.86 38.92 -26.15
C SER D 236 -5.33 38.34 -24.84
N THR D 237 -4.47 37.34 -24.96
CA THR D 237 -3.90 36.65 -23.80
C THR D 237 -2.87 37.47 -23.06
N THR D 238 -2.12 38.29 -23.78
CA THR D 238 -1.14 39.20 -23.16
C THR D 238 -1.87 40.19 -22.25
N LYS D 239 -2.91 40.82 -22.81
CA LYS D 239 -3.74 41.75 -22.07
C LYS D 239 -4.30 41.07 -20.83
N ALA D 240 -4.88 39.89 -21.01
CA ALA D 240 -5.39 39.07 -19.90
C ALA D 240 -4.33 38.77 -18.82
N ALA D 241 -3.15 38.39 -19.26
CA ALA D 241 -2.04 38.12 -18.34
C ALA D 241 -1.69 39.35 -17.53
N LEU D 242 -1.58 40.49 -18.22
CA LEU D 242 -1.32 41.79 -17.59
C LEU D 242 -2.40 42.16 -16.60
N ASP D 243 -3.65 41.97 -17.04
CA ASP D 243 -4.79 42.27 -16.19
C ASP D 243 -4.90 41.42 -14.92
N VAL D 244 -4.52 40.14 -14.97
CA VAL D 244 -4.55 39.31 -13.75
C VAL D 244 -3.41 39.67 -12.79
N GLY D 245 -2.45 40.46 -13.28
CA GLY D 245 -1.42 41.00 -12.40
C GLY D 245 -0.04 40.38 -12.46
N VAL D 246 0.28 39.67 -13.54
CA VAL D 246 1.63 39.07 -13.63
C VAL D 246 2.68 40.14 -13.88
N ASP D 247 3.91 39.81 -13.49
CA ASP D 247 5.06 40.70 -13.61
C ASP D 247 5.83 40.34 -14.86
N GLY D 248 5.66 39.10 -15.29
CA GLY D 248 6.43 38.53 -16.37
C GLY D 248 5.49 37.87 -17.35
N ILE D 249 5.77 38.08 -18.61
CA ILE D 249 5.05 37.49 -19.71
C ILE D 249 6.14 36.77 -20.47
N MET D 250 6.14 35.43 -20.46
CA MET D 250 7.03 34.70 -21.33
C MET D 250 6.29 34.37 -22.62
N THR D 251 6.95 34.63 -23.71
CA THR D 251 6.30 34.70 -25.00
C THR D 251 7.24 34.30 -26.10
N ASN D 252 6.67 33.67 -27.12
CA ASN D 252 7.40 33.46 -28.35
C ASN D 252 7.53 34.68 -29.23
N TYR D 253 6.76 35.75 -28.93
CA TYR D 253 6.68 36.93 -29.81
C TYR D 253 6.65 38.18 -28.96
N PRO D 254 7.82 38.57 -28.44
CA PRO D 254 7.97 39.71 -27.55
C PRO D 254 7.38 41.01 -28.12
N ASN D 255 7.28 41.13 -29.43
CA ASN D 255 6.64 42.30 -30.07
C ASN D 255 5.18 42.44 -29.67
N VAL D 256 4.53 41.32 -29.31
CA VAL D 256 3.10 41.40 -28.99
C VAL D 256 2.92 42.26 -27.76
N LEU D 257 3.64 41.91 -26.68
CA LEU D 257 3.62 42.74 -25.47
C LEU D 257 4.01 44.20 -25.68
N ILE D 258 5.02 44.46 -26.50
CA ILE D 258 5.44 45.84 -26.81
C ILE D 258 4.27 46.61 -27.41
N GLY D 259 3.58 45.98 -28.35
CA GLY D 259 2.37 46.60 -28.89
C GLY D 259 1.31 46.84 -27.83
N VAL D 260 1.10 45.86 -26.96
CA VAL D 260 0.09 45.91 -25.92
C VAL D 260 0.39 47.02 -24.94
N LEU D 261 1.66 47.11 -24.53
CA LEU D 261 2.06 48.17 -23.58
C LEU D 261 1.87 49.58 -24.17
N LYS D 262 1.68 49.69 -25.49
CA LYS D 262 1.36 51.00 -26.12
C LYS D 262 -0.12 51.33 -26.11
N GLU D 263 -0.97 50.36 -25.80
CA GLU D 263 -2.41 50.54 -25.98
C GLU D 263 -3.04 51.26 -24.82
N SER D 264 -4.09 52.04 -25.13
CA SER D 264 -4.90 52.66 -24.08
C SER D 264 -5.35 51.60 -23.10
N GLY D 265 -5.29 51.91 -21.80
CA GLY D 265 -5.70 50.96 -20.76
C GLY D 265 -4.56 50.05 -20.34
N TYR D 266 -3.51 50.01 -21.16
CA TYR D 266 -2.34 49.21 -20.83
C TYR D 266 -1.12 50.06 -20.56
N ASN D 267 -0.88 51.06 -21.41
CA ASN D 267 0.26 51.96 -21.25
C ASN D 267 0.28 52.64 -19.88
N ASP D 268 -0.90 52.91 -19.35
CA ASP D 268 -1.07 53.66 -18.12
C ASP D 268 -0.84 52.82 -16.86
N LYS D 269 -0.78 51.50 -17.00
CA LYS D 269 -0.77 50.60 -15.83
C LYS D 269 0.48 49.72 -15.79
N TYR D 270 1.07 49.50 -16.96
CA TYR D 270 2.17 48.56 -17.10
C TYR D 270 3.25 49.18 -17.92
N ARG D 271 4.49 48.79 -17.65
CA ARG D 271 5.57 49.24 -18.48
C ARG D 271 6.66 48.19 -18.55
N LEU D 272 7.45 48.25 -19.61
CA LEU D 272 8.54 47.33 -19.76
C LEU D 272 9.53 47.59 -18.64
N ALA D 273 9.96 46.52 -17.96
CA ALA D 273 10.97 46.64 -16.91
C ALA D 273 12.28 47.11 -17.48
N THR D 274 13.03 47.83 -16.66
CA THR D 274 14.32 48.32 -17.07
C THR D 274 15.31 47.82 -16.07
N TYR D 275 16.58 48.01 -16.39
CA TYR D 275 17.63 47.55 -15.50
C TYR D 275 17.47 48.14 -14.11
N ASP D 276 16.91 49.35 -14.04
CA ASP D 276 16.74 49.97 -12.72
C ASP D 276 15.64 49.35 -11.86
N ASP D 277 14.80 48.53 -12.47
CA ASP D 277 13.77 47.82 -11.73
C ASP D 277 14.37 46.56 -11.15
N ASN D 278 14.39 46.49 -9.83
CA ASN D 278 14.93 45.33 -9.14
C ASN D 278 14.06 44.07 -9.36
N PRO D 279 14.58 43.06 -10.11
CA PRO D 279 13.69 41.90 -10.35
C PRO D 279 13.39 41.12 -9.08
N TRP D 280 14.07 41.44 -7.98
CA TRP D 280 13.86 40.75 -6.70
C TRP D 280 12.96 41.54 -5.77
N GLU D 281 12.46 42.69 -6.27
CA GLU D 281 11.54 43.48 -5.49
C GLU D 281 10.11 43.24 -5.91
N THR D 282 9.27 42.87 -4.95
CA THR D 282 7.85 42.70 -5.19
C THR D 282 7.25 44.07 -5.51
N PHE D 283 6.47 44.15 -6.59
CA PHE D 283 5.81 45.39 -6.96
C PHE D 283 4.62 45.62 -6.02
N LYS D 284 4.42 46.88 -5.64
CA LYS D 284 3.28 47.24 -4.78
C LYS D 284 2.65 48.53 -5.31
N ASN D 285 1.38 48.52 -5.70
CA ASN D 285 0.56 47.33 -5.98
C ASN D 285 -0.57 47.70 -6.96
S SO4 E . -18.76 -18.72 23.39
O1 SO4 E . -19.15 -17.38 22.90
O2 SO4 E . -19.51 -19.15 24.58
O3 SO4 E . -17.35 -18.71 23.81
O4 SO4 E . -18.97 -19.67 22.33
S SO4 F . -44.16 -22.68 35.76
O1 SO4 F . -44.91 -22.97 34.57
O2 SO4 F . -44.79 -21.60 36.54
O3 SO4 F . -42.81 -22.19 35.35
O4 SO4 F . -44.02 -23.88 36.60
S SO4 G . 1.71 -23.35 37.52
O1 SO4 G . 2.86 -22.44 37.66
O2 SO4 G . 0.49 -22.59 37.22
O3 SO4 G . 1.55 -24.10 38.76
O4 SO4 G . 1.99 -24.30 36.44
S SO4 H . -24.06 -6.40 26.90
O1 SO4 H . -23.31 -7.56 26.41
O2 SO4 H . -25.47 -6.67 26.79
O3 SO4 H . -23.57 -5.23 26.16
O4 SO4 H . -23.76 -6.25 28.31
S SO4 I . -6.98 -39.89 42.10
O1 SO4 I . -7.08 -38.67 42.88
O2 SO4 I . -8.27 -40.56 42.19
O3 SO4 I . -5.93 -40.75 42.64
O4 SO4 I . -6.64 -39.62 40.71
S SO4 J . -26.07 -37.30 44.36
O1 SO4 J . -26.00 -38.09 43.12
O2 SO4 J . -27.25 -36.44 44.35
O3 SO4 J . -24.87 -36.48 44.48
O4 SO4 J . -26.12 -38.21 45.52
MG MG K . -18.27 -19.51 27.90
N1 EPE L . -14.94 -4.69 37.76
C2 EPE L . -14.19 -5.94 37.96
C3 EPE L . -13.28 -5.76 39.19
N4 EPE L . -14.07 -5.25 40.32
C5 EPE L . -15.00 -4.16 40.08
C6 EPE L . -15.88 -4.49 38.87
C7 EPE L . -13.34 -5.06 41.58
C8 EPE L . -12.45 -6.25 41.87
O8 EPE L . -13.26 -7.29 42.34
C9 EPE L . -15.86 -4.83 36.60
C10 EPE L . -15.06 -4.84 35.32
S EPE L . -16.16 -4.62 33.91
O1S EPE L . -15.34 -4.47 32.69
O2S EPE L . -16.95 -5.83 33.81
O3S EPE L . -16.97 -3.45 34.13
S SO4 M . -10.13 -12.44 16.46
O1 SO4 M . -9.07 -12.13 15.49
O2 SO4 M . -10.43 -11.17 17.14
O3 SO4 M . -9.60 -13.41 17.42
O4 SO4 M . -11.35 -12.95 15.84
S SO4 N . 0.56 -0.75 -7.08
O1 SO4 N . 0.14 -1.63 -5.96
O2 SO4 N . 1.85 -0.18 -6.70
O3 SO4 N . -0.41 0.32 -7.26
O4 SO4 N . 0.66 -1.59 -8.28
S SO4 O . 5.51 -25.91 30.63
O1 SO4 O . 6.47 -24.82 30.41
O2 SO4 O . 4.70 -25.57 31.80
O3 SO4 O . 6.29 -27.12 30.91
O4 SO4 O . 4.69 -26.12 29.44
S SO4 P . -14.13 -20.03 5.41
O1 SO4 P . -12.98 -20.85 5.05
O2 SO4 P . -15.40 -20.79 5.53
O3 SO4 P . -14.26 -19.04 4.35
O4 SO4 P . -13.91 -19.44 6.73
S SO4 Q . 17.74 -11.21 29.19
O1 SO4 Q . 18.25 -9.88 28.92
O2 SO4 Q . 16.32 -11.11 29.51
O3 SO4 Q . 18.45 -11.76 30.34
O4 SO4 Q . 17.94 -12.06 28.02
S SO4 R . 16.87 -3.61 11.48
O1 SO4 R . 16.25 -3.63 10.14
O2 SO4 R . 16.18 -2.65 12.34
O3 SO4 R . 18.26 -3.20 11.35
O4 SO4 R . 16.81 -4.95 12.06
MG MG S . -5.94 -14.00 15.69
S SO4 T . 6.65 13.58 -28.45
O1 SO4 T . 7.25 14.20 -29.63
O2 SO4 T . 5.49 14.40 -28.11
O3 SO4 T . 7.63 13.51 -27.35
O4 SO4 T . 6.31 12.18 -28.74
S SO4 U . -5.36 -10.52 -46.93
O1 SO4 U . -4.29 -9.88 -46.18
O2 SO4 U . -6.31 -11.06 -45.97
O3 SO4 U . -4.81 -11.60 -47.75
O4 SO4 U . -6.00 -9.55 -47.81
S SO4 V . 22.45 6.54 -10.27
O1 SO4 V . 21.04 6.77 -10.57
O2 SO4 V . 23.28 7.73 -10.48
O3 SO4 V . 22.99 5.43 -11.08
O4 SO4 V . 22.54 6.21 -8.85
S SO4 W . -6.45 13.19 -23.65
O1 SO4 W . -6.95 14.39 -23.03
O2 SO4 W . -6.42 12.08 -22.69
O3 SO4 W . -5.08 13.46 -24.03
O4 SO4 W . -7.16 12.80 -24.85
S SO4 X . 29.21 -6.57 -22.07
O1 SO4 X . 28.97 -5.19 -22.45
O2 SO4 X . 28.05 -7.11 -21.35
O3 SO4 X . 30.40 -6.63 -21.21
O4 SO4 X . 29.45 -7.36 -23.27
S SO4 Y . 14.52 -13.94 -32.68
O1 SO4 Y . 15.28 -13.03 -33.55
O2 SO4 Y . 13.11 -13.98 -33.08
O3 SO4 Y . 14.61 -13.49 -31.29
O4 SO4 Y . 15.09 -15.27 -32.78
MG MG Z . 7.32 9.57 -26.19
N1 EPE AA . -2.45 7.77 -10.71
C2 EPE AA . -1.05 7.45 -10.98
C3 EPE AA . -0.67 6.44 -9.92
N4 EPE AA . -1.55 5.26 -9.99
C5 EPE AA . -2.98 5.47 -10.14
C6 EPE AA . -3.33 6.63 -11.08
C7 EPE AA . -1.12 4.20 -9.09
C8 EPE AA . -1.63 2.80 -9.40
O8 EPE AA . -3.02 2.74 -9.24
C9 EPE AA . -2.93 8.99 -11.38
C10 EPE AA . -2.41 9.11 -12.78
S EPE AA . -3.20 10.41 -13.73
O1S EPE AA . -2.71 10.24 -15.07
O2S EPE AA . -4.65 10.22 -13.64
O3S EPE AA . -2.89 11.70 -13.16
S SO4 BA . 8.01 24.84 -22.50
O1 SO4 BA . 6.73 24.66 -21.85
O2 SO4 BA . 8.61 26.13 -22.11
O3 SO4 BA . 7.82 24.74 -23.94
O4 SO4 BA . 8.95 23.80 -22.02
S SO4 CA . 27.82 12.99 -12.73
O1 SO4 CA . 27.90 13.90 -11.58
O2 SO4 CA . 29.15 12.49 -13.05
O3 SO4 CA . 27.29 13.68 -13.90
O4 SO4 CA . 26.98 11.84 -12.40
S SO4 DA . 11.57 30.15 -34.88
O1 SO4 DA . 10.81 31.39 -34.95
O2 SO4 DA . 11.19 29.29 -33.76
O3 SO4 DA . 12.97 30.55 -34.71
O4 SO4 DA . 11.40 29.36 -36.09
S SO4 EA . 25.74 23.79 2.48
O1 SO4 EA . 26.67 24.39 1.53
O2 SO4 EA . 24.62 23.16 1.77
O3 SO4 EA . 25.21 24.81 3.37
O4 SO4 EA . 26.42 22.75 3.26
S SO4 FA . 20.12 41.66 -2.42
O1 SO4 FA . 19.71 42.59 -3.49
O2 SO4 FA . 18.93 41.01 -1.86
O3 SO4 FA . 20.78 42.42 -1.36
O4 SO4 FA . 21.07 40.69 -2.95
MG MG GA . 12.15 26.34 -21.04
N1 EPE HA . 25.54 26.21 -33.74
C2 EPE HA . 25.58 25.76 -32.33
C3 EPE HA . 27.06 25.81 -31.92
N4 EPE HA . 27.61 27.14 -32.17
C5 EPE HA . 27.29 27.84 -33.42
C6 EPE HA . 25.82 27.67 -33.83
C7 EPE HA . 28.98 27.30 -31.68
C8 EPE HA . 29.36 28.74 -31.31
O8 EPE HA . 29.56 29.54 -32.46
C9 EPE HA . 24.28 25.85 -34.42
C10 EPE HA . 23.09 26.25 -33.58
S EPE HA . 21.53 26.07 -34.46
O1S EPE HA . 21.29 24.71 -34.92
O2S EPE HA . 20.56 26.53 -33.47
O3S EPE HA . 21.56 27.00 -35.60
#